data_8A39
#
_entry.id   8A39
#
_cell.length_a   167.883
_cell.length_b   106.234
_cell.length_c   85.867
_cell.angle_alpha   90.000
_cell.angle_beta   108.328
_cell.angle_gamma   90.000
#
_symmetry.space_group_name_H-M   'C 1 2 1'
#
loop_
_entity.id
_entity.type
_entity.pdbx_description
1 polymer 'DNA-binding transcriptional repressor of phenylacetic acid degradation, aryl-CoA responsive'
2 non-polymer GLYCEROL
3 non-polymer 'SULFATE ION'
4 water water
#
_entity_poly.entity_id   1
_entity_poly.type   'polypeptide(L)'
_entity_poly.pdbx_seq_one_letter_code
;MSKLDTFIQHAVNAVPVSGTSLISSLYGDSLSHRGGEIWLGSLAALLEGLGFGERFVRTALFRLNKEGWLDVSRIGRRSF
YSLSDKGLRLTRRAESKIYRAEQPAWDGKWLLLLSEGLDKSTLADVKKQLIWQGFGALAPSLMASPSQKLADVQTLLHEA
GVADNVIAFEAQIPLALSRAALRARVEEAWHLTEQNAMYETFIQSFRPLVPLLKEAADELTPERAFHIQLLLIHFYRRVV
LKDPLLPEELLPAHWAGHTARQLAINIYQRVAPAALAFVSEKGETSVGELPAPGSLYFQRFGGLNIEQEALAQFIR
;
_entity_poly.pdbx_strand_id   AP1,BP1,CP1
#
# COMPACT_ATOMS: atom_id res chain seq x y z
N SER A 2 18.01 11.38 39.33
CA SER A 2 17.42 12.54 38.67
C SER A 2 15.95 12.65 39.03
N LYS A 3 15.48 13.89 39.25
CA LYS A 3 14.08 14.09 39.56
C LYS A 3 13.19 13.87 38.34
N LEU A 4 13.74 13.98 37.12
CA LEU A 4 12.96 13.69 35.93
C LEU A 4 12.50 12.23 35.92
N ASP A 5 13.41 11.29 36.22
CA ASP A 5 13.00 9.89 36.26
C ASP A 5 11.97 9.68 37.35
N THR A 6 12.17 10.29 38.51
CA THR A 6 11.20 10.18 39.59
C THR A 6 9.85 10.74 39.17
N PHE A 7 9.84 11.89 38.49
CA PHE A 7 8.56 12.42 38.01
C PHE A 7 7.89 11.42 37.07
N ILE A 8 8.66 10.84 36.14
CA ILE A 8 8.09 9.91 35.18
C ILE A 8 7.49 8.71 35.90
N GLN A 9 8.21 8.16 36.88
CA GLN A 9 7.73 6.98 37.61
C GLN A 9 6.47 7.30 38.40
N HIS A 10 6.44 8.45 39.08
CA HIS A 10 5.25 8.83 39.82
C HIS A 10 4.07 9.03 38.89
N ALA A 11 4.28 9.69 37.75
CA ALA A 11 3.16 9.97 36.85
C ALA A 11 2.55 8.69 36.32
N VAL A 12 3.39 7.72 35.92
CA VAL A 12 2.84 6.52 35.32
C VAL A 12 2.24 5.57 36.36
N ASN A 13 2.67 5.65 37.63
CA ASN A 13 2.14 4.76 38.65
C ASN A 13 1.04 5.37 39.50
N ALA A 14 0.66 6.62 39.25
CA ALA A 14 -0.35 7.26 40.10
C ALA A 14 -1.69 6.57 39.97
N VAL A 15 -2.05 6.17 38.76
CA VAL A 15 -3.37 5.67 38.43
C VAL A 15 -3.21 4.55 37.42
N PRO A 16 -4.15 3.59 37.35
CA PRO A 16 -4.09 2.58 36.28
C PRO A 16 -4.08 3.25 34.91
N VAL A 17 -3.21 2.77 34.02
CA VAL A 17 -3.12 3.30 32.67
C VAL A 17 -3.69 2.25 31.71
N SER A 18 -4.72 2.63 30.96
CA SER A 18 -5.28 1.76 29.94
C SER A 18 -4.29 1.56 28.79
N GLY A 19 -4.02 0.30 28.44
CA GLY A 19 -3.12 0.00 27.34
C GLY A 19 -3.65 0.46 26.00
N THR A 20 -4.95 0.24 25.75
CA THR A 20 -5.51 0.68 24.48
C THR A 20 -5.49 2.19 24.37
N SER A 21 -5.79 2.89 25.47
CA SER A 21 -5.79 4.35 25.43
C SER A 21 -4.38 4.87 25.25
N LEU A 22 -3.42 4.28 25.96
CA LEU A 22 -2.04 4.74 25.86
C LEU A 22 -1.50 4.55 24.47
N ILE A 23 -1.76 3.39 23.86
CA ILE A 23 -1.21 3.14 22.55
C ILE A 23 -1.89 4.03 21.52
N SER A 24 -3.19 4.30 21.67
CA SER A 24 -3.84 5.27 20.79
C SER A 24 -3.15 6.62 20.89
N SER A 25 -2.80 7.04 22.10
CA SER A 25 -2.09 8.32 22.27
C SER A 25 -0.76 8.28 21.53
N LEU A 26 -0.01 7.20 21.67
CA LEU A 26 1.29 7.08 21.00
C LEU A 26 1.14 7.14 19.48
N TYR A 27 0.20 6.37 18.92
CA TYR A 27 -0.03 6.43 17.48
C TYR A 27 -0.47 7.83 17.07
N GLY A 28 -1.45 8.40 17.77
CA GLY A 28 -1.97 9.70 17.38
C GLY A 28 -0.90 10.76 17.44
N ASP A 29 -0.07 10.71 18.47
CA ASP A 29 0.92 11.78 18.64
C ASP A 29 2.15 11.53 17.79
N SER A 30 2.70 10.31 17.84
CA SER A 30 4.02 10.06 17.30
C SER A 30 4.05 9.37 15.93
N LEU A 31 2.97 8.73 15.49
CA LEU A 31 3.03 7.92 14.27
C LEU A 31 2.07 8.34 13.17
N SER A 32 1.03 9.12 13.48
CA SER A 32 0.01 9.43 12.49
C SER A 32 0.58 10.30 11.36
N HIS A 33 1.64 11.06 11.62
CA HIS A 33 2.30 11.81 10.54
C HIS A 33 3.57 11.12 10.05
N ARG A 34 3.74 9.84 10.36
CA ARG A 34 4.93 9.09 10.00
C ARG A 34 4.55 7.74 9.42
N GLY A 35 3.45 7.73 8.65
CA GLY A 35 3.05 6.54 7.93
C GLY A 35 2.05 5.67 8.65
N GLY A 36 1.83 5.89 9.96
CA GLY A 36 0.80 5.21 10.71
C GLY A 36 1.04 3.74 11.02
N GLU A 37 2.23 3.23 10.75
CA GLU A 37 2.52 1.81 10.94
C GLU A 37 3.80 1.63 11.73
N ILE A 38 3.81 0.62 12.59
CA ILE A 38 5.02 0.28 13.34
C ILE A 38 5.01 -1.19 13.72
N TRP A 39 6.20 -1.74 13.87
CA TRP A 39 6.37 -3.11 14.34
C TRP A 39 5.99 -3.22 15.81
N LEU A 40 5.35 -4.33 16.17
CA LEU A 40 5.04 -4.60 17.57
C LEU A 40 6.29 -4.49 18.44
N GLY A 41 7.42 -5.00 17.94
CA GLY A 41 8.65 -4.95 18.70
C GLY A 41 9.10 -3.52 19.00
N SER A 42 8.86 -2.61 18.06
CA SER A 42 9.17 -1.20 18.29
C SER A 42 8.32 -0.64 19.43
N LEU A 43 7.02 -0.96 19.44
CA LEU A 43 6.18 -0.46 20.51
C LEU A 43 6.65 -0.96 21.87
N ALA A 44 7.03 -2.25 21.95
CA ALA A 44 7.51 -2.81 23.21
C ALA A 44 8.75 -2.07 23.68
N ALA A 45 9.70 -1.80 22.78
CA ALA A 45 10.89 -1.05 23.15
C ALA A 45 10.55 0.40 23.53
N LEU A 46 9.53 0.97 22.92
CA LEU A 46 9.22 2.37 23.21
C LEU A 46 8.61 2.52 24.59
N LEU A 47 7.91 1.49 25.07
CA LEU A 47 7.17 1.54 26.33
C LEU A 47 7.85 0.79 27.46
N GLU A 48 8.92 0.04 27.18
CA GLU A 48 9.58 -0.79 28.19
C GLU A 48 10.04 0.04 29.39
N GLY A 49 10.69 1.17 29.15
CA GLY A 49 11.19 2.00 30.23
C GLY A 49 10.11 2.57 31.11
N LEU A 50 8.86 2.51 30.69
CA LEU A 50 7.73 2.92 31.51
C LEU A 50 7.19 1.80 32.38
N GLY A 51 7.75 0.60 32.26
CA GLY A 51 7.25 -0.56 33.00
C GLY A 51 6.23 -1.40 32.28
N PHE A 52 5.94 -1.14 31.01
CA PHE A 52 4.99 -1.93 30.25
C PHE A 52 5.70 -3.02 29.47
N GLY A 53 5.31 -4.29 29.71
CA GLY A 53 5.92 -5.43 29.05
C GLY A 53 5.19 -5.87 27.77
N GLU A 54 5.76 -6.91 27.13
CA GLU A 54 5.24 -7.38 25.84
C GLU A 54 3.77 -7.78 25.92
N ARG A 55 3.37 -8.52 26.97
CA ARG A 55 1.99 -8.95 27.05
C ARG A 55 1.04 -7.77 27.20
N PHE A 56 1.44 -6.76 27.96
CA PHE A 56 0.63 -5.55 28.04
C PHE A 56 0.46 -4.93 26.65
N VAL A 57 1.56 -4.80 25.91
CA VAL A 57 1.52 -4.18 24.59
C VAL A 57 0.73 -5.02 23.61
N ARG A 58 1.04 -6.32 23.56
CA ARG A 58 0.38 -7.25 22.64
C ARG A 58 -1.13 -7.28 22.88
N THR A 59 -1.54 -7.37 24.14
CA THR A 59 -2.97 -7.41 24.46
C THR A 59 -3.68 -6.12 24.04
N ALA A 60 -3.05 -4.98 24.29
CA ALA A 60 -3.61 -3.70 23.88
C ALA A 60 -3.76 -3.60 22.37
N LEU A 61 -2.73 -4.01 21.61
CA LEU A 61 -2.83 -3.96 20.16
C LEU A 61 -3.96 -4.85 19.66
N PHE A 62 -4.07 -6.05 20.21
CA PHE A 62 -5.15 -6.98 19.87
C PHE A 62 -6.51 -6.34 20.09
N ARG A 63 -6.71 -5.66 21.24
CA ARG A 63 -8.00 -5.02 21.48
C ARG A 63 -8.24 -3.88 20.49
N LEU A 64 -7.22 -3.07 20.23
CA LEU A 64 -7.39 -1.94 19.31
C LEU A 64 -7.75 -2.45 17.93
N ASN A 65 -7.21 -3.60 17.52
CA ASN A 65 -7.64 -4.22 16.28
C ASN A 65 -9.10 -4.69 16.36
N LYS A 66 -9.49 -5.34 17.46
CA LYS A 66 -10.87 -5.82 17.53
C LYS A 66 -11.85 -4.67 17.52
N GLU A 67 -11.47 -3.51 18.06
CA GLU A 67 -12.33 -2.34 18.00
C GLU A 67 -12.31 -1.65 16.65
N GLY A 68 -11.49 -2.10 15.69
CA GLY A 68 -11.44 -1.43 14.40
C GLY A 68 -10.57 -0.19 14.32
N TRP A 69 -9.75 0.09 15.34
CA TRP A 69 -8.89 1.27 15.33
C TRP A 69 -7.55 1.01 14.63
N LEU A 70 -7.08 -0.23 14.67
CA LEU A 70 -5.82 -0.63 14.07
C LEU A 70 -6.03 -1.82 13.15
N ASP A 71 -5.40 -1.79 11.99
CA ASP A 71 -5.22 -2.98 11.17
C ASP A 71 -3.94 -3.70 11.59
N VAL A 72 -3.86 -4.97 11.24
CA VAL A 72 -2.70 -5.78 11.62
C VAL A 72 -2.21 -6.56 10.40
N SER A 73 -0.89 -6.61 10.24
CA SER A 73 -0.23 -7.34 9.16
C SER A 73 0.85 -8.24 9.74
N ARG A 74 0.84 -9.50 9.32
CA ARG A 74 1.95 -10.42 9.57
C ARG A 74 2.78 -10.52 8.28
N ILE A 75 3.98 -9.97 8.33
CA ILE A 75 4.87 -9.89 7.17
C ILE A 75 6.21 -10.47 7.57
N GLY A 76 6.67 -11.48 6.84
CA GLY A 76 7.79 -12.23 7.38
C GLY A 76 7.39 -12.79 8.73
N ARG A 77 8.30 -12.73 9.69
CA ARG A 77 7.98 -13.17 11.05
C ARG A 77 7.75 -12.01 12.01
N ARG A 78 7.24 -10.89 11.49
CA ARG A 78 6.96 -9.72 12.31
C ARG A 78 5.50 -9.30 12.15
N SER A 79 4.94 -8.80 13.24
CA SER A 79 3.59 -8.26 13.28
C SER A 79 3.66 -6.74 13.24
N PHE A 80 2.94 -6.14 12.29
CA PHE A 80 2.90 -4.69 12.13
C PHE A 80 1.48 -4.21 12.35
N TYR A 81 1.34 -3.18 13.18
CA TYR A 81 0.03 -2.60 13.45
C TYR A 81 -0.03 -1.18 12.88
N SER A 82 -1.12 -0.89 12.17
CA SER A 82 -1.25 0.39 11.50
C SER A 82 -2.63 0.98 11.77
N LEU A 83 -2.71 2.30 11.73
CA LEU A 83 -4.00 2.94 11.85
C LEU A 83 -4.92 2.43 10.74
N SER A 84 -6.12 2.00 11.12
CA SER A 84 -7.08 1.61 10.11
C SER A 84 -7.60 2.87 9.40
N ASP A 85 -8.35 2.67 8.31
CA ASP A 85 -8.95 3.82 7.64
C ASP A 85 -9.84 4.60 8.60
N LYS A 86 -10.66 3.89 9.37
CA LYS A 86 -11.48 4.53 10.39
C LYS A 86 -10.60 5.18 11.45
N GLY A 87 -9.59 4.44 11.95
CA GLY A 87 -8.73 4.98 12.99
C GLY A 87 -8.01 6.24 12.55
N LEU A 88 -7.57 6.28 11.28
CA LEU A 88 -6.95 7.48 10.74
C LEU A 88 -7.93 8.65 10.77
N ARG A 89 -9.17 8.40 10.36
CA ARG A 89 -10.15 9.48 10.33
C ARG A 89 -10.45 10.00 11.73
N LEU A 90 -10.63 9.08 12.70
CA LEU A 90 -10.87 9.49 14.08
C LEU A 90 -9.65 10.19 14.67
N THR A 91 -8.45 9.72 14.34
CA THR A 91 -7.26 10.37 14.86
C THR A 91 -7.15 11.81 14.36
N ARG A 92 -7.45 12.02 13.08
CA ARG A 92 -7.39 13.38 12.54
C ARG A 92 -8.42 14.27 13.21
N ARG A 93 -9.63 13.75 13.45
CA ARG A 93 -10.61 14.53 14.18
C ARG A 93 -10.10 14.92 15.56
N ALA A 94 -9.58 13.94 16.32
CA ALA A 94 -9.07 14.25 17.64
C ALA A 94 -7.91 15.24 17.57
N GLU A 95 -7.08 15.13 16.54
CA GLU A 95 -5.92 16.00 16.42
C GLU A 95 -6.34 17.48 16.29
N SER A 96 -7.43 17.74 15.56
CA SER A 96 -7.88 19.12 15.40
C SER A 96 -8.18 19.75 16.76
N LYS A 97 -8.70 18.97 17.70
CA LYS A 97 -8.99 19.52 19.03
C LYS A 97 -7.74 19.58 19.90
N ILE A 98 -6.90 18.54 19.85
CA ILE A 98 -5.80 18.44 20.79
C ILE A 98 -4.72 19.47 20.48
N TYR A 99 -4.33 19.58 19.22
CA TYR A 99 -3.22 20.43 18.80
C TYR A 99 -3.72 21.73 18.20
N ARG A 100 -5.04 21.95 18.26
CA ARG A 100 -5.73 23.14 17.78
C ARG A 100 -4.87 24.39 17.91
N ALA A 101 -4.82 25.18 16.85
CA ALA A 101 -4.00 26.37 16.92
C ALA A 101 -4.70 27.55 17.57
N GLU A 102 -6.00 27.46 17.87
CA GLU A 102 -6.64 28.44 18.74
C GLU A 102 -8.16 28.28 18.83
N GLN A 103 -8.72 28.62 19.99
CA GLN A 103 -10.16 28.59 20.20
C GLN A 103 -10.85 29.37 19.07
N PRO A 104 -11.85 28.78 18.42
CA PRO A 104 -12.49 29.47 17.29
C PRO A 104 -13.14 30.79 17.70
N ALA A 105 -13.09 31.76 16.79
CA ALA A 105 -13.75 33.04 17.00
C ALA A 105 -15.26 32.87 16.91
N TRP A 106 -16.00 33.55 17.78
CA TRP A 106 -17.45 33.36 17.90
C TRP A 106 -18.24 34.51 17.29
N ASP A 107 -19.21 34.17 16.45
CA ASP A 107 -20.15 35.13 15.86
C ASP A 107 -21.39 35.35 16.73
N GLY A 108 -21.53 34.63 17.84
CA GLY A 108 -22.67 34.78 18.72
C GLY A 108 -23.90 33.96 18.36
N LYS A 109 -23.85 33.13 17.33
CA LYS A 109 -25.00 32.40 16.84
C LYS A 109 -25.08 31.00 17.45
N TRP A 110 -26.31 30.52 17.69
CA TRP A 110 -26.55 29.22 18.29
C TRP A 110 -27.34 28.33 17.33
N LEU A 111 -27.22 27.02 17.53
CA LEU A 111 -28.07 26.03 16.88
C LEU A 111 -28.81 25.20 17.92
N LEU A 112 -30.15 25.17 17.82
CA LEU A 112 -31.01 24.42 18.73
C LEU A 112 -31.72 23.29 17.98
N LEU A 113 -31.79 22.12 18.62
CA LEU A 113 -32.37 20.92 18.02
C LEU A 113 -33.42 20.31 18.95
N LEU A 114 -34.63 20.11 18.42
CA LEU A 114 -35.72 19.44 19.14
C LEU A 114 -36.19 18.18 18.40
N SER A 115 -36.56 17.17 19.18
CA SER A 115 -36.95 15.84 18.72
C SER A 115 -38.39 15.57 19.07
N GLU A 116 -39.17 15.00 18.16
CA GLU A 116 -40.05 14.01 18.79
C GLU A 116 -40.83 13.16 17.79
N GLY A 117 -41.47 12.15 18.36
CA GLY A 117 -41.97 10.98 17.70
C GLY A 117 -41.04 9.80 17.84
N LEU A 118 -40.16 9.83 18.85
CA LEU A 118 -39.16 8.81 19.08
C LEU A 118 -39.24 8.19 20.46
N ASP A 119 -38.46 7.10 20.60
CA ASP A 119 -38.51 6.20 21.74
C ASP A 119 -37.79 6.67 22.99
N LYS A 120 -37.32 5.61 23.65
CA LYS A 120 -36.05 5.42 24.33
C LYS A 120 -34.85 5.42 23.38
N SER A 121 -34.76 4.36 22.57
CA SER A 121 -33.58 4.00 21.78
C SER A 121 -33.15 5.08 20.80
N THR A 122 -34.09 5.54 19.96
CA THR A 122 -33.82 6.68 19.08
C THR A 122 -33.51 7.95 19.87
N LEU A 123 -34.17 8.15 21.02
CA LEU A 123 -33.93 9.36 21.78
C LEU A 123 -32.54 9.33 22.41
N ALA A 124 -32.27 8.30 23.22
CA ALA A 124 -30.96 8.18 23.85
C ALA A 124 -29.87 8.00 22.80
N ASP A 125 -30.18 7.30 21.71
CA ASP A 125 -29.21 7.11 20.63
C ASP A 125 -28.79 8.44 20.01
N VAL A 126 -29.75 9.22 19.52
CA VAL A 126 -29.39 10.47 18.85
C VAL A 126 -28.79 11.44 19.85
N LYS A 127 -29.33 11.45 21.07
CA LYS A 127 -28.69 12.15 22.16
C LYS A 127 -27.25 11.70 22.37
N LYS A 128 -26.97 10.41 22.18
CA LYS A 128 -25.60 9.92 22.34
C LYS A 128 -24.63 10.63 21.40
N GLN A 129 -24.87 10.53 20.09
CA GLN A 129 -23.98 11.14 19.10
C GLN A 129 -23.87 12.65 19.27
N LEU A 130 -25.01 13.31 19.50
CA LEU A 130 -24.98 14.75 19.62
C LEU A 130 -24.10 15.17 20.80
N ILE A 131 -24.18 14.45 21.92
CA ILE A 131 -23.30 14.76 23.05
C ILE A 131 -21.83 14.65 22.65
N TRP A 132 -21.42 13.51 22.08
CA TRP A 132 -20.02 13.46 21.66
C TRP A 132 -19.73 14.38 20.50
N GLN A 133 -20.75 14.87 19.81
CA GLN A 133 -20.59 15.77 18.69
C GLN A 133 -20.36 17.20 19.15
N GLY A 134 -20.46 17.47 20.45
CA GLY A 134 -20.24 18.77 21.04
C GLY A 134 -21.50 19.47 21.52
N PHE A 135 -22.66 18.82 21.43
CA PHE A 135 -23.92 19.41 21.81
C PHE A 135 -24.20 19.20 23.29
N GLY A 136 -24.86 20.17 23.89
CA GLY A 136 -25.28 20.08 25.27
C GLY A 136 -26.78 20.05 25.38
N ALA A 137 -27.28 19.38 26.42
CA ALA A 137 -28.72 19.32 26.68
C ALA A 137 -29.09 20.58 27.44
N LEU A 138 -29.26 21.66 26.68
CA LEU A 138 -29.54 22.96 27.29
C LEU A 138 -30.82 22.92 28.12
N ALA A 139 -31.77 22.09 27.72
CA ALA A 139 -32.98 21.86 28.49
C ALA A 139 -33.45 20.45 28.19
N PRO A 140 -34.35 19.90 29.01
CA PRO A 140 -34.82 18.53 28.75
C PRO A 140 -35.53 18.51 27.41
N SER A 141 -35.05 17.64 26.52
CA SER A 141 -35.58 17.45 25.17
C SER A 141 -34.94 18.44 24.21
N LEU A 142 -33.98 19.26 24.67
CA LEU A 142 -33.42 20.34 23.87
C LEU A 142 -31.89 20.25 23.81
N MET A 143 -31.35 20.01 22.62
CA MET A 143 -29.92 20.00 22.41
C MET A 143 -29.47 21.31 21.77
N ALA A 144 -28.29 21.79 22.17
CA ALA A 144 -27.81 23.10 21.71
C ALA A 144 -26.30 23.07 21.52
N SER A 145 -25.82 23.87 20.56
CA SER A 145 -24.39 24.06 20.34
C SER A 145 -24.15 25.46 19.81
N PRO A 146 -23.20 26.20 20.41
CA PRO A 146 -22.83 27.52 19.87
C PRO A 146 -21.84 27.46 18.71
N SER A 147 -21.33 26.28 18.38
CA SER A 147 -20.22 26.13 17.44
C SER A 147 -20.57 25.41 16.14
N GLN A 148 -21.36 24.31 16.19
CA GLN A 148 -21.61 23.44 15.03
C GLN A 148 -22.45 24.12 13.94
N LYS A 149 -22.59 23.39 12.80
CA LYS A 149 -23.60 23.60 11.76
C LYS A 149 -24.82 22.73 12.06
N LEU A 150 -25.96 23.14 11.50
CA LEU A 150 -26.91 22.18 10.94
C LEU A 150 -26.29 21.36 9.81
N ALA A 151 -25.62 22.03 8.86
CA ALA A 151 -24.97 21.31 7.77
C ALA A 151 -23.97 20.30 8.30
N ASP A 152 -23.32 20.61 9.41
CA ASP A 152 -22.34 19.75 10.04
C ASP A 152 -23.00 18.61 10.79
N VAL A 153 -24.32 18.57 10.86
CA VAL A 153 -25.00 17.47 11.54
C VAL A 153 -26.00 16.84 10.59
N GLN A 154 -26.29 17.44 9.46
CA GLN A 154 -27.19 16.70 8.61
C GLN A 154 -26.66 15.33 8.16
N THR A 155 -25.41 15.22 7.72
CA THR A 155 -25.08 13.85 7.38
C THR A 155 -25.35 12.95 8.59
N LEU A 156 -24.95 13.39 9.80
CA LEU A 156 -25.20 12.60 11.01
C LEU A 156 -26.69 12.33 11.23
N LEU A 157 -27.53 13.37 11.12
CA LEU A 157 -28.95 13.16 11.39
C LEU A 157 -29.62 12.21 10.40
N HIS A 158 -29.41 12.35 9.08
CA HIS A 158 -30.18 11.34 8.33
C HIS A 158 -29.55 9.97 8.46
N GLU A 159 -28.22 9.88 8.61
CA GLU A 159 -27.64 8.56 8.79
C GLU A 159 -28.30 7.82 9.95
N ALA A 160 -28.83 8.55 10.94
CA ALA A 160 -29.58 7.94 12.03
C ALA A 160 -31.04 7.67 11.67
N GLY A 161 -31.55 8.24 10.58
CA GLY A 161 -32.90 8.00 10.17
C GLY A 161 -33.97 8.75 10.92
N VAL A 162 -33.63 9.88 11.53
CA VAL A 162 -34.58 10.67 12.31
C VAL A 162 -34.68 12.10 11.81
N ALA A 163 -34.11 12.39 10.65
CA ALA A 163 -34.11 13.73 10.09
C ALA A 163 -35.52 14.29 9.92
N ASP A 164 -36.53 13.41 9.84
CA ASP A 164 -37.91 13.85 9.72
C ASP A 164 -38.50 14.26 11.05
N ASN A 165 -37.86 13.92 12.17
CA ASN A 165 -38.38 14.19 13.49
C ASN A 165 -37.57 15.20 14.27
N VAL A 166 -36.69 15.96 13.62
CA VAL A 166 -35.81 16.89 14.29
C VAL A 166 -36.19 18.30 13.87
N ILE A 167 -36.39 19.16 14.87
CA ILE A 167 -36.67 20.58 14.66
C ILE A 167 -35.39 21.37 14.94
N ALA A 168 -34.97 22.19 13.98
CA ALA A 168 -33.75 22.97 14.06
C ALA A 168 -34.05 24.46 14.17
N PHE A 169 -33.32 25.15 15.04
CA PHE A 169 -33.41 26.60 15.20
C PHE A 169 -32.02 27.20 15.11
N GLU A 170 -31.88 28.29 14.36
CA GLU A 170 -30.70 29.15 14.41
C GLU A 170 -31.05 30.34 15.29
N ALA A 171 -30.36 30.47 16.43
CA ALA A 171 -30.77 31.39 17.49
C ALA A 171 -29.72 32.45 17.80
N GLN A 172 -30.18 33.50 18.48
CA GLN A 172 -29.36 34.62 18.89
C GLN A 172 -29.89 35.13 20.22
N ILE A 173 -29.02 35.76 21.01
CA ILE A 173 -29.39 36.41 22.25
C ILE A 173 -29.20 37.91 22.07
N PRO A 174 -30.25 38.73 22.18
CA PRO A 174 -30.15 40.11 21.69
C PRO A 174 -29.53 41.12 22.64
N LEU A 175 -29.80 41.03 23.94
CA LEU A 175 -29.30 42.04 24.87
C LEU A 175 -28.54 41.36 26.00
N ALA A 176 -27.37 41.91 26.31
CA ALA A 176 -26.43 41.33 27.26
C ALA A 176 -26.96 41.24 28.69
N LEU A 177 -28.23 41.56 28.91
CA LEU A 177 -28.77 41.46 30.26
C LEU A 177 -29.15 40.03 30.65
N SER A 178 -29.46 39.17 29.67
CA SER A 178 -29.81 37.78 29.96
C SER A 178 -28.61 36.84 30.03
N ARG A 179 -27.39 37.38 30.05
CA ARG A 179 -26.20 36.55 29.86
C ARG A 179 -25.76 35.80 31.10
N ALA A 180 -25.96 36.36 32.30
CA ALA A 180 -25.59 35.64 33.51
C ALA A 180 -26.33 34.31 33.59
N ALA A 181 -27.63 34.33 33.29
CA ALA A 181 -28.41 33.10 33.32
C ALA A 181 -27.88 32.10 32.29
N LEU A 182 -27.51 32.59 31.11
CA LEU A 182 -26.99 31.71 30.07
C LEU A 182 -25.71 31.02 30.53
N ARG A 183 -24.75 31.79 31.06
CA ARG A 183 -23.51 31.19 31.53
C ARG A 183 -23.76 30.18 32.64
N ALA A 184 -24.77 30.43 33.49
CA ALA A 184 -25.12 29.44 34.51
C ALA A 184 -25.69 28.17 33.88
N ARG A 185 -26.64 28.32 32.94
CA ARG A 185 -27.21 27.15 32.28
C ARG A 185 -26.14 26.36 31.53
N VAL A 186 -25.24 27.06 30.84
CA VAL A 186 -24.18 26.37 30.09
C VAL A 186 -23.33 25.54 31.03
N GLU A 187 -23.05 26.05 32.23
CA GLU A 187 -22.21 25.34 33.18
C GLU A 187 -22.75 23.96 33.48
N GLU A 188 -24.06 23.85 33.74
CA GLU A 188 -24.63 22.53 34.04
C GLU A 188 -24.83 21.68 32.81
N ALA A 189 -25.15 22.29 31.66
CA ALA A 189 -25.36 21.50 30.46
C ALA A 189 -24.09 20.78 30.03
N TRP A 190 -22.94 21.44 30.16
CA TRP A 190 -21.67 20.83 29.77
C TRP A 190 -20.83 20.39 30.96
N HIS A 191 -21.35 20.53 32.17
CA HIS A 191 -20.61 20.12 33.37
C HIS A 191 -19.24 20.77 33.43
N LEU A 192 -19.21 22.09 33.22
CA LEU A 192 -17.95 22.81 33.16
C LEU A 192 -17.19 22.77 34.48
N THR A 193 -17.87 22.60 35.61
CA THR A 193 -17.15 22.46 36.87
C THR A 193 -16.35 21.17 36.92
N GLU A 194 -16.95 20.06 36.49
CA GLU A 194 -16.19 18.82 36.36
C GLU A 194 -15.06 18.99 35.35
N GLN A 195 -15.36 19.58 34.20
CA GLN A 195 -14.32 19.75 33.19
C GLN A 195 -13.16 20.57 33.75
N ASN A 196 -13.48 21.66 34.44
CA ASN A 196 -12.43 22.51 35.00
C ASN A 196 -11.60 21.76 36.03
N ALA A 197 -12.24 20.95 36.87
CA ALA A 197 -11.48 20.19 37.86
C ALA A 197 -10.50 19.26 37.19
N MET A 198 -10.90 18.63 36.07
CA MET A 198 -9.99 17.74 35.35
C MET A 198 -8.77 18.51 34.86
N TYR A 199 -9.00 19.71 34.33
CA TYR A 199 -7.89 20.54 33.86
C TYR A 199 -6.95 20.89 35.01
N GLU A 200 -7.51 21.15 36.19
CA GLU A 200 -6.70 21.55 37.33
C GLU A 200 -5.85 20.38 37.83
N THR A 201 -6.42 19.16 37.81
CA THR A 201 -5.61 17.99 38.12
C THR A 201 -4.46 17.84 37.14
N PHE A 202 -4.75 18.00 35.85
CA PHE A 202 -3.69 17.93 34.87
C PHE A 202 -2.63 19.00 35.15
N ILE A 203 -3.06 20.26 35.36
CA ILE A 203 -2.08 21.30 35.66
C ILE A 203 -1.27 20.96 36.90
N GLN A 204 -1.93 20.49 37.95
CA GLN A 204 -1.21 20.16 39.18
C GLN A 204 -0.23 19.02 38.96
N SER A 205 -0.55 18.08 38.06
CA SER A 205 0.34 16.96 37.80
C SER A 205 1.56 17.35 36.98
N PHE A 206 1.41 18.25 36.00
CA PHE A 206 2.50 18.49 35.07
C PHE A 206 3.20 19.84 35.23
N ARG A 207 2.64 20.77 36.00
CA ARG A 207 3.34 22.04 36.24
C ARG A 207 4.74 21.85 36.80
N PRO A 208 5.02 20.89 37.70
CA PRO A 208 6.41 20.73 38.20
C PRO A 208 7.42 20.44 37.10
N LEU A 209 7.00 19.99 35.92
CA LEU A 209 7.96 19.71 34.85
C LEU A 209 8.60 20.99 34.31
N VAL A 210 7.92 22.14 34.43
CA VAL A 210 8.46 23.37 33.86
C VAL A 210 9.81 23.74 34.48
N PRO A 211 9.93 23.87 35.81
CA PRO A 211 11.27 24.08 36.40
C PRO A 211 12.22 22.90 36.21
N LEU A 212 11.71 21.68 36.33
CA LEU A 212 12.57 20.50 36.17
C LEU A 212 13.22 20.48 34.78
N LEU A 213 12.43 20.73 33.73
CA LEU A 213 13.00 20.71 32.39
C LEU A 213 14.01 21.83 32.21
N LYS A 214 13.76 23.00 32.84
CA LYS A 214 14.74 24.08 32.79
C LYS A 214 16.03 23.68 33.48
N GLU A 215 15.93 22.95 34.59
CA GLU A 215 17.12 22.59 35.37
C GLU A 215 17.95 21.50 34.69
N ALA A 216 17.29 20.44 34.21
CA ALA A 216 18.00 19.30 33.66
C ALA A 216 18.00 19.29 32.14
N ALA A 217 18.02 20.48 31.53
CA ALA A 217 17.82 20.58 30.08
C ALA A 217 18.77 19.67 29.31
N ASP A 218 20.04 19.65 29.69
CA ASP A 218 21.01 18.82 28.98
C ASP A 218 20.95 17.36 29.41
N GLU A 219 20.44 17.09 30.61
CA GLU A 219 20.35 15.75 31.16
C GLU A 219 19.17 14.95 30.60
N LEU A 220 18.40 15.56 29.71
CA LEU A 220 17.20 14.95 29.11
C LEU A 220 17.60 14.07 27.92
N THR A 221 17.53 12.74 28.09
CA THR A 221 17.80 11.81 27.01
C THR A 221 16.57 11.64 26.11
N PRO A 222 16.76 11.15 24.87
CA PRO A 222 15.61 10.89 23.99
C PRO A 222 14.53 10.01 24.60
N GLU A 223 14.90 8.93 25.28
CA GLU A 223 13.88 8.06 25.88
C GLU A 223 13.05 8.82 26.92
N ARG A 224 13.71 9.60 27.79
CA ARG A 224 12.95 10.31 28.82
C ARG A 224 12.11 11.42 28.20
N ALA A 225 12.65 12.11 27.20
CA ALA A 225 11.85 13.09 26.48
C ALA A 225 10.61 12.43 25.87
N PHE A 226 10.77 11.23 25.31
CA PHE A 226 9.62 10.57 24.72
C PHE A 226 8.62 10.16 25.78
N HIS A 227 9.10 9.57 26.88
CA HIS A 227 8.17 9.16 27.94
C HIS A 227 7.43 10.36 28.51
N ILE A 228 8.12 11.50 28.66
CA ILE A 228 7.43 12.70 29.15
C ILE A 228 6.38 13.14 28.13
N GLN A 229 6.77 13.21 26.86
CA GLN A 229 5.83 13.64 25.84
C GLN A 229 4.61 12.73 25.80
N LEU A 230 4.83 11.41 25.86
CA LEU A 230 3.71 10.47 25.77
C LEU A 230 2.78 10.62 26.97
N LEU A 231 3.33 10.67 28.19
CA LEU A 231 2.48 10.87 29.36
C LEU A 231 1.77 12.22 29.30
N LEU A 232 2.48 13.29 28.91
CA LEU A 232 1.85 14.60 28.80
C LEU A 232 0.68 14.57 27.83
N ILE A 233 0.92 14.11 26.60
CA ILE A 233 -0.14 14.17 25.60
C ILE A 233 -1.23 13.17 25.95
N HIS A 234 -0.87 12.03 26.53
CA HIS A 234 -1.89 11.05 26.91
C HIS A 234 -2.87 11.66 27.90
N PHE A 235 -2.36 12.28 28.95
CA PHE A 235 -3.28 12.82 29.93
C PHE A 235 -3.94 14.12 29.46
N TYR A 236 -3.26 14.92 28.61
CA TYR A 236 -3.91 16.10 28.06
C TYR A 236 -5.09 15.75 27.14
N ARG A 237 -4.89 14.80 26.22
CA ARG A 237 -5.99 14.43 25.33
C ARG A 237 -7.14 13.79 26.11
N ARG A 238 -6.83 13.10 27.20
CA ARG A 238 -7.85 12.53 28.07
C ARG A 238 -8.86 13.60 28.48
N VAL A 239 -8.36 14.78 28.86
CA VAL A 239 -9.22 15.86 29.35
C VAL A 239 -9.80 16.65 28.19
N VAL A 240 -8.96 17.05 27.23
CA VAL A 240 -9.39 17.99 26.21
C VAL A 240 -10.44 17.38 25.28
N LEU A 241 -10.38 16.07 25.00
CA LEU A 241 -11.36 15.47 24.11
C LEU A 241 -12.76 15.46 24.73
N LYS A 242 -12.85 15.56 26.05
CA LYS A 242 -14.13 15.76 26.73
C LYS A 242 -14.57 17.22 26.69
N ASP A 243 -13.72 18.12 26.25
CA ASP A 243 -14.02 19.55 26.26
C ASP A 243 -14.89 19.93 25.07
N PRO A 244 -16.06 20.54 25.29
CA PRO A 244 -16.85 21.03 24.15
C PRO A 244 -16.24 22.24 23.47
N LEU A 245 -15.22 22.86 24.07
CA LEU A 245 -14.52 23.98 23.43
C LEU A 245 -15.49 25.12 23.11
N LEU A 246 -16.23 25.54 24.14
CA LEU A 246 -17.17 26.64 24.02
C LEU A 246 -16.43 27.97 23.81
N PRO A 247 -17.12 28.96 23.24
CA PRO A 247 -16.52 30.28 23.07
C PRO A 247 -16.07 30.89 24.39
N GLU A 248 -15.04 31.73 24.33
CA GLU A 248 -14.51 32.35 25.52
C GLU A 248 -15.61 32.97 26.36
N GLU A 249 -16.61 33.55 25.70
CA GLU A 249 -17.63 34.34 26.38
C GLU A 249 -18.43 33.51 27.37
N LEU A 250 -18.51 32.20 27.17
CA LEU A 250 -19.36 31.35 28.00
C LEU A 250 -18.62 30.67 29.14
N LEU A 251 -17.26 30.88 29.25
CA LEU A 251 -16.46 30.24 30.28
C LEU A 251 -16.16 31.22 31.41
N PRO A 252 -15.99 30.73 32.63
CA PRO A 252 -15.56 31.61 33.71
C PRO A 252 -14.21 32.26 33.47
N ALA A 253 -14.02 33.36 34.18
CA ALA A 253 -12.67 33.89 34.33
C ALA A 253 -11.76 32.96 35.13
N HIS A 254 -12.26 31.88 35.82
CA HIS A 254 -11.31 30.99 36.47
C HIS A 254 -11.30 29.66 35.71
N TRP A 255 -11.21 29.72 34.39
CA TRP A 255 -11.20 28.50 33.55
C TRP A 255 -9.78 27.96 33.36
N ALA A 256 -9.51 26.78 33.94
CA ALA A 256 -8.15 26.21 33.88
C ALA A 256 -7.77 25.68 32.49
N GLY A 257 -8.72 25.54 31.56
CA GLY A 257 -8.41 25.00 30.25
C GLY A 257 -7.32 25.78 29.51
N HIS A 258 -7.31 27.11 29.66
CA HIS A 258 -6.27 27.90 29.01
C HIS A 258 -4.91 27.66 29.63
N THR A 259 -4.85 27.60 30.97
CA THR A 259 -3.59 27.31 31.64
C THR A 259 -3.09 25.93 31.25
N ALA A 260 -3.99 24.94 31.21
CA ALA A 260 -3.62 23.58 30.85
C ALA A 260 -3.02 23.53 29.44
N ARG A 261 -3.66 24.22 28.49
CA ARG A 261 -3.19 24.17 27.10
C ARG A 261 -1.78 24.76 26.97
N GLN A 262 -1.55 25.94 27.54
CA GLN A 262 -0.23 26.54 27.41
C GLN A 262 0.82 25.70 28.12
N LEU A 263 0.47 25.09 29.25
CA LEU A 263 1.41 24.21 29.94
C LEU A 263 1.77 23.03 29.04
N ALA A 264 0.76 22.41 28.43
CA ALA A 264 1.03 21.32 27.49
C ALA A 264 1.97 21.79 26.39
N ILE A 265 1.69 22.97 25.82
CA ILE A 265 2.51 23.47 24.73
C ILE A 265 3.92 23.77 25.19
N ASN A 266 4.06 24.39 26.37
CA ASN A 266 5.39 24.71 26.85
C ASN A 266 6.22 23.44 27.08
N ILE A 267 5.60 22.38 27.62
CA ILE A 267 6.35 21.14 27.80
C ILE A 267 6.58 20.46 26.46
N TYR A 268 5.55 20.44 25.59
CA TYR A 268 5.67 19.74 24.31
C TYR A 268 6.79 20.33 23.47
N GLN A 269 6.87 21.66 23.39
CA GLN A 269 7.92 22.28 22.59
C GLN A 269 9.30 21.93 23.11
N ARG A 270 9.44 21.75 24.43
CA ARG A 270 10.75 21.47 24.99
C ARG A 270 11.21 20.05 24.70
N VAL A 271 10.30 19.07 24.74
CA VAL A 271 10.71 17.67 24.60
C VAL A 271 10.50 17.10 23.20
N ALA A 272 9.75 17.77 22.33
CA ALA A 272 9.37 17.14 21.06
C ALA A 272 10.58 16.77 20.22
N PRO A 273 11.63 17.59 20.10
CA PRO A 273 12.77 17.19 19.25
C PRO A 273 13.46 15.92 19.72
N ALA A 274 13.81 15.82 21.00
CA ALA A 274 14.48 14.61 21.46
C ALA A 274 13.54 13.41 21.44
N ALA A 275 12.26 13.61 21.75
CA ALA A 275 11.30 12.52 21.66
C ALA A 275 11.16 12.00 20.23
N LEU A 276 11.11 12.91 19.26
CA LEU A 276 11.10 12.48 17.86
C LEU A 276 12.33 11.63 17.54
N ALA A 277 13.50 12.05 18.04
CA ALA A 277 14.71 11.27 17.82
C ALA A 277 14.58 9.87 18.40
N PHE A 278 13.93 9.74 19.55
CA PHE A 278 13.76 8.41 20.16
C PHE A 278 12.86 7.54 19.30
N VAL A 279 11.75 8.09 18.82
CA VAL A 279 10.85 7.31 17.98
C VAL A 279 11.55 6.89 16.69
N SER A 280 12.36 7.78 16.10
CA SER A 280 13.11 7.39 14.90
C SER A 280 14.09 6.26 15.22
N GLU A 281 14.70 6.31 16.40
CA GLU A 281 15.69 5.31 16.73
C GLU A 281 15.06 3.94 16.92
N LYS A 282 13.86 3.88 17.52
CA LYS A 282 13.27 2.60 17.87
C LYS A 282 12.29 2.08 16.82
N GLY A 283 11.73 2.95 15.98
CA GLY A 283 10.63 2.53 15.13
C GLY A 283 11.09 1.78 13.88
N GLU A 284 10.38 0.71 13.57
CA GLU A 284 10.61 -0.08 12.39
C GLU A 284 9.26 -0.34 11.72
N THR A 285 9.23 -0.24 10.39
CA THR A 285 8.03 -0.54 9.62
C THR A 285 8.26 -1.78 8.75
N SER A 286 7.19 -2.17 8.05
CA SER A 286 7.27 -3.28 7.11
C SER A 286 8.18 -2.98 5.93
N VAL A 287 8.51 -1.71 5.68
CA VAL A 287 9.47 -1.33 4.65
C VAL A 287 10.73 -0.75 5.29
N GLY A 288 10.93 -0.98 6.58
CA GLY A 288 12.11 -0.47 7.24
C GLY A 288 11.85 0.67 8.20
N GLU A 289 12.64 1.72 8.04
CA GLU A 289 12.68 2.87 8.92
C GLU A 289 11.36 3.64 8.88
N LEU A 290 11.06 4.37 9.96
CA LEU A 290 9.93 5.28 9.91
C LEU A 290 10.26 6.47 9.01
N PRO A 291 9.31 6.95 8.23
CA PRO A 291 9.51 8.20 7.48
C PRO A 291 9.58 9.41 8.39
N ALA A 292 10.15 10.49 7.85
CA ALA A 292 10.16 11.76 8.53
C ALA A 292 8.74 12.26 8.73
N PRO A 293 8.50 13.05 9.78
CA PRO A 293 7.18 13.64 9.97
C PRO A 293 6.84 14.60 8.83
N GLY A 294 5.63 14.51 8.34
CA GLY A 294 5.17 15.48 7.36
C GLY A 294 4.93 16.85 7.96
N SER A 295 4.58 17.79 7.07
CA SER A 295 4.46 19.18 7.45
C SER A 295 3.31 19.42 8.44
N LEU A 296 2.24 18.63 8.37
CA LEU A 296 1.16 18.84 9.33
C LEU A 296 1.66 18.66 10.76
N TYR A 297 2.62 17.77 10.96
CA TYR A 297 3.15 17.58 12.31
C TYR A 297 3.68 18.89 12.86
N PHE A 298 4.43 19.64 12.04
CA PHE A 298 5.08 20.87 12.49
C PHE A 298 4.14 22.03 12.65
N GLN A 299 2.88 21.90 12.21
CA GLN A 299 1.89 22.95 12.42
C GLN A 299 1.16 22.81 13.75
N ARG A 300 1.46 21.78 14.54
CA ARG A 300 0.75 21.57 15.80
C ARG A 300 0.97 22.75 16.74
N PHE A 301 -0.08 23.08 17.49
CA PHE A 301 0.01 24.12 18.51
C PHE A 301 0.37 25.46 17.89
N GLY A 302 -0.12 25.71 16.67
CA GLY A 302 0.28 26.91 15.95
C GLY A 302 1.72 26.95 15.49
N GLY A 303 2.44 25.84 15.56
CA GLY A 303 3.80 25.79 15.04
C GLY A 303 4.83 25.30 16.04
N LEU A 304 5.54 24.25 15.67
CA LEU A 304 6.54 23.62 16.52
C LEU A 304 7.91 24.25 16.26
N ASN A 305 8.60 24.61 17.33
CA ASN A 305 9.89 25.29 17.24
C ASN A 305 11.03 24.34 16.89
N ILE A 306 10.80 23.37 16.02
CA ILE A 306 11.85 22.46 15.56
C ILE A 306 12.24 22.80 14.12
N SER B 2 -26.90 10.63 1.19
CA SER B 2 -25.83 10.16 0.32
C SER B 2 -24.47 10.20 0.96
N LYS B 3 -23.88 9.01 1.16
CA LYS B 3 -22.54 8.95 1.70
C LYS B 3 -21.50 9.37 0.66
N LEU B 4 -21.83 9.26 -0.62
CA LEU B 4 -20.90 9.70 -1.66
C LEU B 4 -20.61 11.17 -1.53
N ASP B 5 -21.66 11.98 -1.36
CA ASP B 5 -21.46 13.42 -1.24
C ASP B 5 -20.65 13.76 0.01
N THR B 6 -20.97 13.13 1.14
CA THR B 6 -20.18 13.39 2.34
C THR B 6 -18.73 12.96 2.13
N PHE B 7 -18.51 11.82 1.46
CA PHE B 7 -17.13 11.45 1.16
C PHE B 7 -16.44 12.54 0.34
N ILE B 8 -17.14 13.06 -0.69
CA ILE B 8 -16.53 14.09 -1.52
C ILE B 8 -16.22 15.32 -0.67
N GLN B 9 -17.15 15.70 0.20
CA GLN B 9 -16.95 16.88 1.03
C GLN B 9 -15.74 16.71 1.95
N HIS B 10 -15.64 15.56 2.61
CA HIS B 10 -14.50 15.31 3.47
C HIS B 10 -13.19 15.31 2.68
N ALA B 11 -13.20 14.68 1.50
CA ALA B 11 -11.98 14.58 0.71
C ALA B 11 -11.49 15.95 0.27
N VAL B 12 -12.40 16.83 -0.16
CA VAL B 12 -11.95 18.11 -0.69
C VAL B 12 -11.52 19.04 0.45
N ASN B 13 -12.07 18.86 1.65
CA ASN B 13 -11.76 19.72 2.78
C ASN B 13 -10.70 19.14 3.71
N ALA B 14 -10.16 17.96 3.42
CA ALA B 14 -9.19 17.38 4.33
C ALA B 14 -7.96 18.27 4.43
N VAL B 15 -7.48 18.78 3.30
CA VAL B 15 -6.26 19.59 3.26
C VAL B 15 -6.43 20.69 2.22
N PRO B 16 -5.77 21.83 2.44
CA PRO B 16 -5.82 22.90 1.45
C PRO B 16 -5.37 22.42 0.07
N VAL B 17 -6.12 22.84 -0.94
CA VAL B 17 -5.87 22.47 -2.33
C VAL B 17 -5.41 23.72 -3.09
N SER B 18 -4.23 23.63 -3.72
CA SER B 18 -3.74 24.70 -4.58
C SER B 18 -4.59 24.82 -5.86
N GLY B 19 -5.03 26.04 -6.16
CA GLY B 19 -5.82 26.27 -7.37
C GLY B 19 -5.04 26.01 -8.65
N THR B 20 -3.80 26.46 -8.72
CA THR B 20 -2.99 26.19 -9.90
C THR B 20 -2.77 24.69 -10.07
N SER B 21 -2.59 23.96 -8.95
CA SER B 21 -2.36 22.52 -9.00
C SER B 21 -3.63 21.77 -9.39
N LEU B 22 -4.78 22.16 -8.82
CA LEU B 22 -6.03 21.48 -9.15
C LEU B 22 -6.38 21.66 -10.62
N ILE B 23 -6.19 22.88 -11.15
CA ILE B 23 -6.55 23.15 -12.54
C ILE B 23 -5.55 22.48 -13.48
N SER B 24 -4.28 22.36 -13.08
CA SER B 24 -3.34 21.56 -13.86
C SER B 24 -3.81 20.12 -13.97
N SER B 25 -4.26 19.55 -12.84
CA SER B 25 -4.79 18.19 -12.86
C SER B 25 -6.01 18.08 -13.77
N LEU B 26 -6.90 19.06 -13.69
CA LEU B 26 -8.11 19.04 -14.51
C LEU B 26 -7.77 19.04 -15.99
N TYR B 27 -6.84 19.92 -16.39
CA TYR B 27 -6.40 19.95 -17.79
C TYR B 27 -5.73 18.64 -18.19
N GLY B 28 -4.79 18.18 -17.36
CA GLY B 28 -4.05 16.97 -17.71
C GLY B 28 -4.95 15.77 -17.83
N ASP B 29 -5.95 15.65 -16.94
CA ASP B 29 -6.77 14.46 -16.93
C ASP B 29 -7.94 14.56 -17.91
N SER B 30 -8.65 15.68 -17.88
CA SER B 30 -9.92 15.82 -18.56
C SER B 30 -9.84 16.53 -19.91
N LEU B 31 -8.75 17.25 -20.20
CA LEU B 31 -8.73 18.08 -21.40
C LEU B 31 -7.60 17.80 -22.39
N SER B 32 -6.49 17.19 -21.96
CA SER B 32 -5.37 17.04 -22.88
C SER B 32 -5.69 16.10 -24.04
N HIS B 33 -6.63 15.16 -23.88
CA HIS B 33 -7.04 14.33 -24.99
C HIS B 33 -8.31 14.85 -25.64
N ARG B 34 -8.67 16.10 -25.34
CA ARG B 34 -9.88 16.72 -25.85
C ARG B 34 -9.61 18.14 -26.32
N GLY B 35 -8.43 18.39 -26.90
CA GLY B 35 -8.11 19.67 -27.51
C GLY B 35 -7.41 20.67 -26.60
N GLY B 36 -7.41 20.44 -25.29
CA GLY B 36 -6.60 21.28 -24.41
C GLY B 36 -7.07 22.70 -24.19
N GLU B 37 -8.29 23.02 -24.60
CA GLU B 37 -8.81 24.38 -24.50
C GLU B 37 -10.20 24.34 -23.92
N ILE B 38 -10.51 25.32 -23.05
CA ILE B 38 -11.85 25.42 -22.49
C ILE B 38 -12.13 26.86 -22.09
N TRP B 39 -13.42 27.18 -22.06
CA TRP B 39 -13.87 28.49 -21.58
C TRP B 39 -13.68 28.60 -20.07
N LEU B 40 -13.27 29.79 -19.62
CA LEU B 40 -13.20 30.07 -18.19
C LEU B 40 -14.51 29.73 -17.49
N GLY B 41 -15.63 30.07 -18.11
CA GLY B 41 -16.92 29.74 -17.52
C GLY B 41 -17.16 28.25 -17.35
N SER B 42 -16.66 27.42 -18.28
CA SER B 42 -16.78 25.97 -18.12
C SER B 42 -15.99 25.49 -16.90
N LEU B 43 -14.76 25.98 -16.75
CA LEU B 43 -13.97 25.60 -15.59
C LEU B 43 -14.69 25.95 -14.30
N ALA B 44 -15.33 27.13 -14.24
CA ALA B 44 -16.07 27.52 -13.06
C ALA B 44 -17.26 26.60 -12.81
N ALA B 45 -17.99 26.23 -13.86
CA ALA B 45 -19.11 25.31 -13.66
C ALA B 45 -18.62 23.93 -13.25
N LEU B 46 -17.43 23.52 -13.70
CA LEU B 46 -16.93 22.21 -13.34
C LEU B 46 -16.49 22.13 -11.87
N LEU B 47 -16.07 23.26 -11.29
CA LEU B 47 -15.56 23.26 -9.93
C LEU B 47 -16.54 23.81 -8.91
N GLU B 48 -17.63 24.41 -9.37
CA GLU B 48 -18.56 25.09 -8.45
C GLU B 48 -19.08 24.15 -7.38
N GLY B 49 -19.50 22.94 -7.77
CA GLY B 49 -20.06 22.00 -6.81
C GLY B 49 -19.08 21.52 -5.76
N LEU B 50 -17.78 21.74 -5.96
CA LEU B 50 -16.77 21.39 -4.98
C LEU B 50 -16.55 22.49 -3.95
N GLY B 51 -17.23 23.62 -4.09
CA GLY B 51 -17.02 24.75 -3.21
C GLY B 51 -16.00 25.73 -3.72
N PHE B 52 -15.44 25.51 -4.91
CA PHE B 52 -14.47 26.42 -5.49
C PHE B 52 -15.20 27.45 -6.33
N GLY B 53 -15.01 28.71 -5.96
CA GLY B 53 -15.75 29.81 -6.54
C GLY B 53 -15.07 30.49 -7.71
N GLU B 54 -15.77 31.52 -8.17
CA GLU B 54 -15.42 32.31 -9.35
C GLU B 54 -13.98 32.82 -9.32
N ARG B 55 -13.61 33.52 -8.23
CA ARG B 55 -12.29 34.15 -8.15
C ARG B 55 -11.18 33.12 -7.95
N PHE B 56 -11.45 32.05 -7.21
CA PHE B 56 -10.48 30.97 -7.07
C PHE B 56 -10.07 30.43 -8.44
N VAL B 57 -11.06 30.17 -9.30
CA VAL B 57 -10.73 29.71 -10.65
C VAL B 57 -9.95 30.78 -11.41
N ARG B 58 -10.46 32.02 -11.38
CA ARG B 58 -9.80 33.11 -12.09
C ARG B 58 -8.37 33.30 -11.60
N THR B 59 -8.17 33.28 -10.27
CA THR B 59 -6.82 33.45 -9.73
C THR B 59 -5.90 32.33 -10.19
N ALA B 60 -6.40 31.08 -10.15
CA ALA B 60 -5.59 29.96 -10.61
C ALA B 60 -5.26 30.09 -12.09
N LEU B 61 -6.25 30.43 -12.91
CA LEU B 61 -5.97 30.57 -14.34
C LEU B 61 -4.97 31.69 -14.60
N PHE B 62 -5.13 32.82 -13.93
CA PHE B 62 -4.20 33.93 -14.11
C PHE B 62 -2.78 33.49 -13.81
N ARG B 63 -2.56 32.80 -12.69
CA ARG B 63 -1.20 32.38 -12.34
C ARG B 63 -0.66 31.36 -13.34
N LEU B 64 -1.49 30.38 -13.73
CA LEU B 64 -1.02 29.36 -14.64
C LEU B 64 -0.66 29.96 -15.99
N ASN B 65 -1.47 30.92 -16.45
CA ASN B 65 -1.11 31.64 -17.66
C ASN B 65 0.21 32.40 -17.44
N LYS B 66 0.31 33.11 -16.32
CA LYS B 66 1.50 33.91 -16.05
C LYS B 66 2.74 33.05 -15.92
N GLU B 67 2.62 31.81 -15.45
CA GLU B 67 3.76 30.89 -15.38
C GLU B 67 4.10 30.23 -16.71
N GLY B 68 3.35 30.50 -17.78
CA GLY B 68 3.63 29.85 -19.04
C GLY B 68 3.02 28.47 -19.23
N TRP B 69 2.14 28.05 -18.34
CA TRP B 69 1.49 26.73 -18.45
C TRP B 69 0.24 26.80 -19.31
N LEU B 70 -0.44 27.93 -19.33
CA LEU B 70 -1.64 28.10 -20.11
C LEU B 70 -1.49 29.33 -21.00
N ASP B 71 -1.86 29.20 -22.26
CA ASP B 71 -2.09 30.37 -23.10
C ASP B 71 -3.55 30.79 -22.98
N VAL B 72 -3.82 32.05 -23.29
CA VAL B 72 -5.14 32.63 -23.16
C VAL B 72 -5.45 33.34 -24.46
N SER B 73 -6.70 33.21 -24.92
CA SER B 73 -7.19 33.85 -26.13
C SER B 73 -8.59 34.36 -25.86
N ARG B 74 -8.88 35.61 -26.19
CA ARG B 74 -10.27 36.05 -26.18
C ARG B 74 -10.86 36.09 -27.57
N ILE B 75 -11.98 35.37 -27.72
CA ILE B 75 -12.79 35.30 -28.93
C ILE B 75 -14.21 35.60 -28.48
N GLY B 76 -14.87 36.54 -29.16
CA GLY B 76 -16.08 37.16 -28.65
C GLY B 76 -15.75 37.90 -27.37
N ARG B 77 -16.66 37.90 -26.41
CA ARG B 77 -16.34 38.45 -25.09
C ARG B 77 -16.23 37.34 -24.04
N ARG B 78 -15.64 36.21 -24.47
CA ARG B 78 -15.35 35.06 -23.62
C ARG B 78 -13.85 34.81 -23.64
N SER B 79 -13.31 34.36 -22.51
CA SER B 79 -11.89 34.03 -22.40
C SER B 79 -11.71 32.52 -22.48
N PHE B 80 -10.77 32.08 -23.32
CA PHE B 80 -10.49 30.67 -23.53
C PHE B 80 -9.06 30.37 -23.13
N TYR B 81 -8.88 29.36 -22.30
CA TYR B 81 -7.58 28.96 -21.79
C TYR B 81 -7.20 27.60 -22.36
N SER B 82 -5.98 27.50 -22.86
CA SER B 82 -5.50 26.33 -23.56
C SER B 82 -4.12 25.97 -23.08
N LEU B 83 -3.76 24.68 -23.19
CA LEU B 83 -2.42 24.26 -22.86
C LEU B 83 -1.41 24.96 -23.77
N SER B 84 -0.41 25.58 -23.16
CA SER B 84 0.69 26.15 -23.91
C SER B 84 1.60 25.03 -24.42
N ASP B 85 2.59 25.41 -25.22
CA ASP B 85 3.57 24.42 -25.63
C ASP B 85 4.26 23.80 -24.42
N LYS B 86 4.62 24.63 -23.43
CA LYS B 86 5.25 24.10 -22.22
C LYS B 86 4.29 23.20 -21.45
N GLY B 87 3.07 23.67 -21.21
CA GLY B 87 2.12 22.86 -20.48
C GLY B 87 1.83 21.54 -21.18
N LEU B 88 1.72 21.57 -22.51
CA LEU B 88 1.45 20.35 -23.24
C LEU B 88 2.57 19.33 -23.08
N ARG B 89 3.83 19.76 -23.26
CA ARG B 89 4.92 18.79 -23.17
C ARG B 89 5.07 18.26 -21.75
N LEU B 90 4.91 19.12 -20.74
CA LEU B 90 4.95 18.64 -19.36
C LEU B 90 3.80 17.68 -19.08
N THR B 91 2.61 17.97 -19.60
CA THR B 91 1.46 17.11 -19.37
C THR B 91 1.70 15.71 -19.94
N ARG B 92 2.29 15.64 -21.14
CA ARG B 92 2.57 14.34 -21.75
C ARG B 92 3.66 13.58 -21.01
N ARG B 93 4.71 14.27 -20.59
CA ARG B 93 5.72 13.61 -19.76
C ARG B 93 5.06 12.99 -18.55
N ALA B 94 4.21 13.76 -17.87
CA ALA B 94 3.50 13.26 -16.71
C ALA B 94 2.55 12.11 -17.05
N GLU B 95 1.97 12.12 -18.26
CA GLU B 95 0.99 11.11 -18.63
C GLU B 95 1.57 9.70 -18.57
N SER B 96 2.81 9.53 -19.04
CA SER B 96 3.44 8.21 -19.03
C SER B 96 3.54 7.66 -17.62
N LYS B 97 3.82 8.52 -16.64
CA LYS B 97 3.98 8.07 -15.26
C LYS B 97 2.63 7.87 -14.59
N ILE B 98 1.70 8.80 -14.81
CA ILE B 98 0.43 8.80 -14.07
C ILE B 98 -0.44 7.63 -14.52
N TYR B 99 -0.59 7.45 -15.81
CA TYR B 99 -1.47 6.45 -16.39
C TYR B 99 -0.67 5.26 -16.89
N ARG B 100 0.60 5.17 -16.49
CA ARG B 100 1.58 4.16 -16.87
C ARG B 100 0.92 2.84 -17.20
N ALA B 101 1.07 2.40 -18.46
CA ALA B 101 0.52 1.15 -18.98
C ALA B 101 1.60 0.07 -18.92
N GLU B 102 1.60 -0.71 -17.83
CA GLU B 102 2.42 -1.91 -17.70
C GLU B 102 3.91 -1.62 -17.87
N GLN B 103 4.57 -1.80 -16.75
CA GLN B 103 5.94 -1.58 -16.31
C GLN B 103 6.87 -2.19 -17.35
N PRO B 104 7.79 -1.44 -17.97
CA PRO B 104 8.74 -2.12 -18.84
C PRO B 104 9.55 -3.08 -18.00
N ALA B 105 9.82 -4.26 -18.56
CA ALA B 105 10.57 -5.28 -17.83
C ALA B 105 12.00 -4.84 -17.64
N TRP B 106 12.61 -5.27 -16.54
CA TRP B 106 13.93 -4.81 -16.15
C TRP B 106 15.00 -5.81 -16.62
N ASP B 107 16.05 -5.29 -17.25
CA ASP B 107 17.13 -6.13 -17.73
C ASP B 107 18.13 -6.50 -16.64
N GLY B 108 17.95 -5.99 -15.42
CA GLY B 108 18.87 -6.30 -14.34
C GLY B 108 20.13 -5.48 -14.34
N LYS B 109 20.28 -4.53 -15.27
CA LYS B 109 21.49 -3.75 -15.45
C LYS B 109 21.37 -2.37 -14.80
N TRP B 110 22.49 -1.89 -14.28
CA TRP B 110 22.58 -0.58 -13.64
C TRP B 110 23.54 0.33 -14.39
N LEU B 111 23.35 1.62 -14.17
CA LEU B 111 24.31 2.64 -14.55
C LEU B 111 24.84 3.24 -13.27
N LEU B 112 26.15 3.14 -13.06
CA LEU B 112 26.80 3.69 -11.88
C LEU B 112 27.71 4.84 -12.32
N LEU B 113 27.62 5.96 -11.61
CA LEU B 113 28.32 7.16 -11.99
C LEU B 113 29.21 7.60 -10.84
N LEU B 114 30.51 7.68 -11.12
CA LEU B 114 31.55 8.13 -10.21
C LEU B 114 32.21 9.38 -10.80
N SER B 115 32.58 10.31 -9.93
CA SER B 115 33.13 11.60 -10.35
C SER B 115 34.61 11.65 -10.00
N GLU B 116 35.39 12.25 -10.90
CA GLU B 116 36.85 12.30 -10.76
C GLU B 116 37.31 13.68 -11.19
N GLY B 117 37.79 14.47 -10.23
CA GLY B 117 38.27 15.78 -10.58
C GLY B 117 37.27 16.92 -10.52
N LEU B 118 36.24 16.84 -9.67
CA LEU B 118 35.27 17.92 -9.59
C LEU B 118 35.29 18.56 -8.22
N ASP B 119 35.02 19.86 -8.21
CA ASP B 119 35.00 20.60 -6.96
C ASP B 119 33.66 20.41 -6.27
N LYS B 120 33.61 20.83 -5.00
CA LYS B 120 32.46 20.48 -4.18
C LYS B 120 31.19 21.13 -4.74
N SER B 121 31.34 22.24 -5.45
CA SER B 121 30.19 22.99 -5.97
C SER B 121 29.64 22.40 -7.26
N THR B 122 30.53 22.06 -8.20
CA THR B 122 30.08 21.33 -9.39
C THR B 122 29.46 19.99 -9.04
N LEU B 123 29.92 19.37 -7.95
CA LEU B 123 29.38 18.06 -7.57
C LEU B 123 27.90 18.20 -7.21
N ALA B 124 27.59 19.15 -6.31
CA ALA B 124 26.22 19.33 -5.87
C ALA B 124 25.28 19.65 -7.03
N ASP B 125 25.74 20.41 -8.01
CA ASP B 125 24.90 20.68 -9.17
C ASP B 125 24.54 19.38 -9.88
N VAL B 126 25.54 18.59 -10.24
CA VAL B 126 25.29 17.35 -10.97
C VAL B 126 24.54 16.35 -10.09
N LYS B 127 24.83 16.33 -8.78
CA LYS B 127 24.06 15.52 -7.85
C LYS B 127 22.55 15.81 -7.96
N LYS B 128 22.19 17.10 -7.91
CA LYS B 128 20.78 17.48 -7.97
C LYS B 128 20.15 17.09 -9.30
N GLN B 129 20.81 17.43 -10.41
CA GLN B 129 20.29 17.08 -11.73
C GLN B 129 20.08 15.56 -11.86
N LEU B 130 21.04 14.77 -11.39
CA LEU B 130 20.92 13.32 -11.46
C LEU B 130 19.78 12.81 -10.58
N ILE B 131 19.63 13.39 -9.39
CA ILE B 131 18.51 13.03 -8.52
C ILE B 131 17.18 13.25 -9.25
N TRP B 132 17.04 14.40 -9.92
CA TRP B 132 15.80 14.69 -10.64
C TRP B 132 15.57 13.73 -11.80
N GLN B 133 16.62 13.08 -12.29
CA GLN B 133 16.50 12.08 -13.32
C GLN B 133 16.22 10.69 -12.75
N GLY B 134 16.20 10.55 -11.43
CA GLY B 134 15.91 9.28 -10.80
C GLY B 134 17.08 8.58 -10.18
N PHE B 135 18.24 9.24 -10.09
CA PHE B 135 19.42 8.58 -9.56
C PHE B 135 19.41 8.67 -8.04
N GLY B 136 19.92 7.62 -7.41
CA GLY B 136 20.06 7.58 -5.97
C GLY B 136 21.52 7.52 -5.58
N ALA B 137 21.83 8.05 -4.40
CA ALA B 137 23.18 8.06 -3.85
C ALA B 137 23.44 6.73 -3.17
N LEU B 138 23.85 5.74 -3.98
CA LEU B 138 24.16 4.42 -3.45
C LEU B 138 25.29 4.48 -2.43
N ALA B 139 26.20 5.43 -2.62
CA ALA B 139 27.29 5.70 -1.69
C ALA B 139 27.62 7.18 -1.80
N PRO B 140 28.34 7.74 -0.83
CA PRO B 140 28.60 9.18 -0.83
C PRO B 140 29.55 9.67 -1.92
N SER B 141 29.17 9.51 -3.18
CA SER B 141 29.94 9.98 -4.34
C SER B 141 29.63 9.08 -5.53
N LEU B 142 28.71 8.14 -5.35
CA LEU B 142 28.36 7.15 -6.34
C LEU B 142 26.87 7.28 -6.58
N MET B 143 26.49 7.73 -7.77
CA MET B 143 25.10 7.85 -8.16
C MET B 143 24.74 6.65 -9.02
N ALA B 144 23.51 6.16 -8.87
CA ALA B 144 23.10 4.93 -9.54
C ALA B 144 21.67 5.03 -10.00
N SER B 145 21.37 4.32 -11.10
CA SER B 145 20.03 4.17 -11.57
C SER B 145 19.92 2.81 -12.24
N PRO B 146 18.91 2.00 -11.89
CA PRO B 146 18.67 0.75 -12.61
C PRO B 146 17.86 0.95 -13.88
N SER B 147 17.39 2.16 -14.14
CA SER B 147 16.48 2.46 -15.23
C SER B 147 17.14 3.28 -16.32
N GLN B 148 17.88 4.32 -15.94
CA GLN B 148 18.49 5.18 -16.94
C GLN B 148 19.63 4.45 -17.64
N LYS B 149 19.99 4.97 -18.81
CA LYS B 149 21.13 4.47 -19.56
C LYS B 149 22.08 5.63 -19.83
N LEU B 150 23.35 5.29 -20.07
CA LEU B 150 24.35 6.32 -20.35
C LEU B 150 23.87 7.31 -21.40
N ALA B 151 23.28 6.80 -22.49
CA ALA B 151 22.78 7.67 -23.55
C ALA B 151 21.79 8.70 -23.00
N ASP B 152 20.98 8.31 -22.01
CA ASP B 152 19.99 9.23 -21.45
C ASP B 152 20.62 10.28 -20.56
N VAL B 153 21.91 10.20 -20.30
CA VAL B 153 22.54 11.15 -19.38
C VAL B 153 23.74 11.80 -20.03
N GLN B 154 24.18 11.26 -21.17
CA GLN B 154 25.27 11.87 -21.93
C GLN B 154 25.02 13.36 -22.13
N THR B 155 23.82 13.71 -22.60
CA THR B 155 23.49 15.12 -22.82
C THR B 155 23.59 15.90 -21.51
N LEU B 156 23.01 15.36 -20.43
CA LEU B 156 23.07 16.02 -19.12
C LEU B 156 24.50 16.30 -18.70
N LEU B 157 25.37 15.29 -18.79
CA LEU B 157 26.75 15.43 -18.35
C LEU B 157 27.51 16.43 -19.23
N HIS B 158 27.29 16.35 -20.55
CA HIS B 158 28.11 17.15 -21.46
C HIS B 158 27.83 18.63 -21.28
N GLU B 159 26.57 19.01 -21.24
CA GLU B 159 26.21 20.42 -21.06
C GLU B 159 26.30 20.85 -19.61
N ALA B 160 26.58 19.93 -18.69
CA ALA B 160 26.97 20.29 -17.34
C ALA B 160 28.47 20.56 -17.25
N GLY B 161 29.23 20.19 -18.27
CA GLY B 161 30.66 20.42 -18.28
C GLY B 161 31.50 19.42 -17.49
N VAL B 162 30.99 18.21 -17.26
CA VAL B 162 31.70 17.22 -16.47
C VAL B 162 31.90 15.90 -17.23
N ALA B 163 31.58 15.87 -18.53
CA ALA B 163 31.66 14.63 -19.29
C ALA B 163 33.05 14.00 -19.20
N ASP B 164 34.10 14.83 -19.12
CA ASP B 164 35.45 14.29 -18.99
C ASP B 164 35.85 13.97 -17.56
N ASN B 165 34.95 14.15 -16.58
CA ASN B 165 35.27 13.84 -15.19
C ASN B 165 34.38 12.76 -14.58
N VAL B 166 33.61 12.04 -15.38
CA VAL B 166 32.65 11.09 -14.85
C VAL B 166 33.06 9.70 -15.30
N ILE B 167 33.11 8.77 -14.35
CA ILE B 167 33.35 7.37 -14.63
C ILE B 167 32.00 6.69 -14.61
N ALA B 168 31.65 6.04 -15.71
CA ALA B 168 30.38 5.35 -15.84
C ALA B 168 30.63 3.85 -15.90
N PHE B 169 29.82 3.10 -15.16
CA PHE B 169 29.86 1.65 -15.17
C PHE B 169 28.48 1.13 -15.55
N GLU B 170 28.45 0.12 -16.40
CA GLU B 170 27.28 -0.71 -16.59
C GLU B 170 27.49 -1.93 -15.71
N ALA B 171 26.62 -2.12 -14.72
CA ALA B 171 26.83 -3.13 -13.71
C ALA B 171 25.64 -4.09 -13.62
N GLN B 172 25.91 -5.24 -12.99
CA GLN B 172 24.92 -6.28 -12.71
C GLN B 172 25.28 -6.89 -11.36
N ILE B 173 24.29 -7.48 -10.71
CA ILE B 173 24.52 -8.18 -9.45
C ILE B 173 24.30 -9.66 -9.70
N PRO B 174 25.35 -10.50 -9.59
CA PRO B 174 25.24 -11.87 -10.10
C PRO B 174 24.73 -12.93 -9.14
N LEU B 175 24.66 -12.66 -7.83
CA LEU B 175 24.25 -13.64 -6.85
C LEU B 175 23.21 -13.05 -5.92
N ALA B 176 22.15 -13.80 -5.66
CA ALA B 176 21.05 -13.26 -4.87
C ALA B 176 21.42 -13.04 -3.40
N LEU B 177 22.68 -13.25 -3.02
CA LEU B 177 23.09 -13.02 -1.64
C LEU B 177 23.24 -11.54 -1.37
N SER B 178 23.49 -10.73 -2.40
CA SER B 178 23.52 -9.29 -2.24
C SER B 178 22.17 -8.69 -2.60
N ARG B 179 21.10 -9.48 -2.48
CA ARG B 179 19.76 -9.02 -2.82
C ARG B 179 19.14 -8.30 -1.63
N ALA B 180 19.11 -8.97 -0.47
CA ALA B 180 18.60 -8.34 0.74
C ALA B 180 19.37 -7.07 1.08
N ALA B 181 20.71 -7.14 1.05
CA ALA B 181 21.53 -5.98 1.37
C ALA B 181 21.32 -4.86 0.35
N LEU B 182 21.25 -5.22 -0.93
CA LEU B 182 21.00 -4.22 -1.97
C LEU B 182 19.66 -3.54 -1.76
N ARG B 183 18.60 -4.33 -1.54
CA ARG B 183 17.27 -3.75 -1.33
C ARG B 183 17.25 -2.85 -0.11
N ALA B 184 18.02 -3.19 0.93
CA ALA B 184 18.12 -2.29 2.07
C ALA B 184 18.78 -0.98 1.67
N ARG B 185 19.89 -1.07 0.93
CA ARG B 185 20.58 0.12 0.44
C ARG B 185 19.66 0.94 -0.46
N VAL B 186 18.94 0.27 -1.37
CA VAL B 186 18.03 0.98 -2.27
C VAL B 186 16.95 1.69 -1.48
N GLU B 187 16.40 1.03 -0.46
CA GLU B 187 15.36 1.66 0.32
C GLU B 187 15.86 2.97 0.90
N GLU B 188 17.07 2.95 1.48
CA GLU B 188 17.59 4.16 2.09
C GLU B 188 18.05 5.18 1.06
N ALA B 189 18.64 4.72 -0.06
CA ALA B 189 19.18 5.65 -1.05
C ALA B 189 18.08 6.47 -1.71
N TRP B 190 16.92 5.87 -1.95
CA TRP B 190 15.82 6.55 -2.60
C TRP B 190 14.74 7.01 -1.63
N HIS B 191 14.96 6.88 -0.31
CA HIS B 191 13.95 7.29 0.68
C HIS B 191 12.61 6.61 0.43
N LEU B 192 12.65 5.31 0.17
CA LEU B 192 11.45 4.58 -0.22
C LEU B 192 10.40 4.53 0.90
N THR B 193 10.83 4.64 2.16
CA THR B 193 9.85 4.64 3.24
C THR B 193 8.96 5.87 3.16
N GLU B 194 9.54 7.03 2.83
CA GLU B 194 8.73 8.21 2.58
C GLU B 194 7.76 7.99 1.41
N GLN B 195 8.25 7.45 0.29
CA GLN B 195 7.38 7.24 -0.86
C GLN B 195 6.25 6.27 -0.51
N ASN B 196 6.59 5.19 0.21
CA ASN B 196 5.58 4.22 0.61
C ASN B 196 4.51 4.86 1.50
N ALA B 197 4.93 5.67 2.47
CA ALA B 197 3.97 6.33 3.36
C ALA B 197 3.05 7.26 2.57
N MET B 198 3.60 7.94 1.56
CA MET B 198 2.76 8.82 0.76
C MET B 198 1.67 8.04 0.06
N TYR B 199 2.03 6.87 -0.52
CA TYR B 199 1.01 6.05 -1.16
C TYR B 199 -0.03 5.57 -0.16
N GLU B 200 0.42 5.22 1.06
CA GLU B 200 -0.50 4.73 2.08
C GLU B 200 -1.50 5.81 2.48
N THR B 201 -1.06 7.07 2.53
CA THR B 201 -1.99 8.17 2.76
C THR B 201 -3.01 8.27 1.66
N PHE B 202 -2.57 8.16 0.41
CA PHE B 202 -3.53 8.14 -0.70
C PHE B 202 -4.49 6.96 -0.57
N ILE B 203 -3.96 5.75 -0.30
CA ILE B 203 -4.80 4.56 -0.17
C ILE B 203 -5.85 4.75 0.92
N GLN B 204 -5.42 5.22 2.09
CA GLN B 204 -6.34 5.37 3.21
C GLN B 204 -7.35 6.47 2.94
N SER B 205 -7.02 7.47 2.12
CA SER B 205 -8.01 8.51 1.81
C SER B 205 -9.09 7.99 0.86
N PHE B 206 -8.75 7.14 -0.11
CA PHE B 206 -9.73 6.78 -1.13
C PHE B 206 -10.22 5.34 -1.08
N ARG B 207 -9.54 4.44 -0.35
CA ARG B 207 -10.05 3.08 -0.22
C ARG B 207 -11.47 3.02 0.31
N PRO B 208 -11.91 3.86 1.27
CA PRO B 208 -13.32 3.80 1.70
C PRO B 208 -14.31 4.08 0.57
N LEU B 209 -13.86 4.69 -0.52
CA LEU B 209 -14.77 5.00 -1.62
C LEU B 209 -15.21 3.74 -2.36
N VAL B 210 -14.38 2.68 -2.35
CA VAL B 210 -14.73 1.51 -3.13
C VAL B 210 -16.04 0.87 -2.70
N PRO B 211 -16.26 0.56 -1.42
CA PRO B 211 -17.61 0.06 -1.03
C PRO B 211 -18.72 1.06 -1.33
N LEU B 212 -18.49 2.36 -1.10
CA LEU B 212 -19.50 3.37 -1.39
C LEU B 212 -19.94 3.34 -2.83
N LEU B 213 -18.99 3.28 -3.77
CA LEU B 213 -19.36 3.24 -5.17
C LEU B 213 -20.15 1.97 -5.49
N LYS B 214 -19.83 0.86 -4.84
CA LYS B 214 -20.60 -0.36 -5.05
C LYS B 214 -22.04 -0.19 -4.56
N GLU B 215 -22.24 0.47 -3.42
CA GLU B 215 -23.57 0.63 -2.86
C GLU B 215 -24.41 1.65 -3.62
N ALA B 216 -23.82 2.80 -3.97
CA ALA B 216 -24.54 3.90 -4.60
C ALA B 216 -24.30 3.97 -6.11
N ALA B 217 -24.11 2.81 -6.75
CA ALA B 217 -23.69 2.78 -8.14
C ALA B 217 -24.58 3.62 -9.04
N ASP B 218 -25.89 3.51 -8.88
CA ASP B 218 -26.81 4.24 -9.74
C ASP B 218 -26.97 5.70 -9.33
N GLU B 219 -26.72 6.00 -8.06
CA GLU B 219 -26.85 7.35 -7.52
C GLU B 219 -25.66 8.24 -7.88
N LEU B 220 -24.71 7.71 -8.65
CA LEU B 220 -23.51 8.42 -9.07
C LEU B 220 -23.86 9.28 -10.28
N THR B 221 -24.01 10.58 -10.06
CA THR B 221 -24.30 11.51 -11.13
C THR B 221 -23.03 11.92 -11.86
N PRO B 222 -23.16 12.45 -13.08
CA PRO B 222 -21.97 12.93 -13.79
C PRO B 222 -21.14 13.91 -12.97
N GLU B 223 -21.79 14.88 -12.31
CA GLU B 223 -21.06 15.87 -11.53
C GLU B 223 -20.27 15.22 -10.41
N ARG B 224 -20.89 14.29 -9.68
CA ARG B 224 -20.19 13.66 -8.58
C ARG B 224 -19.09 12.73 -9.09
N ALA B 225 -19.37 12.00 -10.17
CA ALA B 225 -18.35 11.19 -10.80
C ALA B 225 -17.16 12.05 -11.20
N PHE B 226 -17.41 13.23 -11.76
CA PHE B 226 -16.31 14.08 -12.20
C PHE B 226 -15.51 14.62 -11.01
N HIS B 227 -16.21 15.06 -9.95
CA HIS B 227 -15.50 15.54 -8.77
C HIS B 227 -14.65 14.42 -8.15
N ILE B 228 -15.18 13.20 -8.10
CA ILE B 228 -14.41 12.10 -7.55
C ILE B 228 -13.18 11.85 -8.40
N GLN B 229 -13.37 11.80 -9.73
CA GLN B 229 -12.24 11.49 -10.61
C GLN B 229 -11.17 12.55 -10.47
N LEU B 230 -11.59 13.82 -10.40
CA LEU B 230 -10.62 14.92 -10.30
C LEU B 230 -9.85 14.86 -9.00
N LEU B 231 -10.56 14.67 -7.88
CA LEU B 231 -9.87 14.57 -6.60
C LEU B 231 -8.98 13.34 -6.57
N LEU B 232 -9.49 12.22 -7.11
CA LEU B 232 -8.70 11.01 -7.19
C LEU B 232 -7.39 11.25 -7.93
N ILE B 233 -7.48 11.76 -9.17
CA ILE B 233 -6.27 11.85 -10.00
C ILE B 233 -5.35 12.95 -9.50
N HIS B 234 -5.90 14.05 -8.98
CA HIS B 234 -5.06 15.12 -8.47
C HIS B 234 -4.15 14.58 -7.36
N PHE B 235 -4.72 13.89 -6.38
CA PHE B 235 -3.87 13.41 -5.28
C PHE B 235 -2.99 12.26 -5.72
N TYR B 236 -3.48 11.41 -6.62
CA TYR B 236 -2.64 10.33 -7.13
C TYR B 236 -1.45 10.89 -7.88
N ARG B 237 -1.69 11.92 -8.72
CA ARG B 237 -0.59 12.54 -9.45
C ARG B 237 0.45 13.12 -8.51
N ARG B 238 -0.01 13.73 -7.42
CA ARG B 238 0.89 14.33 -6.45
C ARG B 238 1.90 13.30 -5.93
N VAL B 239 1.44 12.09 -5.64
CA VAL B 239 2.33 11.06 -5.08
C VAL B 239 3.15 10.43 -6.19
N VAL B 240 2.51 10.06 -7.32
CA VAL B 240 3.22 9.28 -8.33
C VAL B 240 4.36 10.08 -8.95
N LEU B 241 4.19 11.39 -9.11
CA LEU B 241 5.23 12.17 -9.79
C LEU B 241 6.51 12.26 -8.98
N LYS B 242 6.46 12.03 -7.66
CA LYS B 242 7.67 11.93 -6.83
C LYS B 242 8.34 10.56 -6.88
N ASP B 243 7.69 9.58 -7.48
CA ASP B 243 8.17 8.19 -7.44
C ASP B 243 9.31 7.99 -8.44
N PRO B 244 10.46 7.48 -8.01
CA PRO B 244 11.53 7.13 -8.97
C PRO B 244 11.21 5.93 -9.85
N LEU B 245 10.15 5.18 -9.56
CA LEU B 245 9.70 4.06 -10.41
C LEU B 245 10.79 3.02 -10.59
N LEU B 246 11.31 2.53 -9.46
CA LEU B 246 12.31 1.47 -9.52
C LEU B 246 11.68 0.16 -9.99
N PRO B 247 12.50 -0.72 -10.56
CA PRO B 247 11.97 -2.04 -10.95
C PRO B 247 11.38 -2.77 -9.75
N GLU B 248 10.33 -3.53 -10.03
CA GLU B 248 9.63 -4.27 -9.00
C GLU B 248 10.59 -5.13 -8.20
N GLU B 249 11.60 -5.69 -8.87
CA GLU B 249 12.53 -6.60 -8.21
C GLU B 249 13.25 -5.92 -7.05
N LEU B 250 13.34 -4.60 -7.06
CA LEU B 250 14.08 -3.88 -6.03
C LEU B 250 13.18 -3.32 -4.94
N LEU B 251 11.87 -3.54 -5.02
CA LEU B 251 10.90 -2.97 -4.09
C LEU B 251 10.49 -3.95 -2.99
N PRO B 252 10.03 -3.43 -1.84
CA PRO B 252 9.47 -4.32 -0.81
C PRO B 252 8.31 -5.12 -1.39
N ALA B 253 8.03 -6.27 -0.77
CA ALA B 253 7.06 -7.20 -1.35
C ALA B 253 5.63 -6.68 -1.31
N HIS B 254 5.32 -5.73 -0.43
CA HIS B 254 3.96 -5.24 -0.28
C HIS B 254 3.95 -3.73 -0.51
N TRP B 255 4.79 -3.31 -1.45
CA TRP B 255 4.94 -1.92 -1.85
C TRP B 255 3.59 -1.25 -2.03
N ALA B 256 3.32 -0.23 -1.23
CA ALA B 256 2.00 0.39 -1.28
C ALA B 256 1.71 1.02 -2.64
N GLY B 257 2.74 1.28 -3.47
CA GLY B 257 2.48 1.82 -4.79
C GLY B 257 1.62 0.91 -5.64
N HIS B 258 1.82 -0.41 -5.52
CA HIS B 258 0.99 -1.31 -6.31
C HIS B 258 -0.46 -1.20 -5.86
N THR B 259 -0.69 -1.13 -4.54
CA THR B 259 -2.06 -1.01 -4.04
C THR B 259 -2.67 0.32 -4.47
N ALA B 260 -1.90 1.40 -4.36
CA ALA B 260 -2.39 2.73 -4.75
C ALA B 260 -2.79 2.75 -6.23
N ARG B 261 -1.96 2.16 -7.10
CA ARG B 261 -2.26 2.16 -8.53
C ARG B 261 -3.56 1.42 -8.81
N GLN B 262 -3.71 0.21 -8.27
CA GLN B 262 -4.93 -0.53 -8.55
C GLN B 262 -6.14 0.16 -7.96
N LEU B 263 -5.97 0.79 -6.79
CA LEU B 263 -7.08 1.55 -6.23
C LEU B 263 -7.51 2.67 -7.18
N ALA B 264 -6.53 3.41 -7.69
CA ALA B 264 -6.84 4.48 -8.65
C ALA B 264 -7.52 3.89 -9.89
N ILE B 265 -6.99 2.79 -10.40
CA ILE B 265 -7.58 2.22 -11.62
C ILE B 265 -9.00 1.77 -11.33
N ASN B 266 -9.23 1.13 -10.19
CA ASN B 266 -10.56 0.62 -9.89
C ASN B 266 -11.56 1.75 -9.76
N ILE B 267 -11.17 2.86 -9.13
CA ILE B 267 -12.10 3.97 -8.99
C ILE B 267 -12.26 4.69 -10.33
N TYR B 268 -11.15 4.93 -11.03
CA TYR B 268 -11.18 5.70 -12.26
C TYR B 268 -12.09 5.05 -13.29
N GLN B 269 -11.99 3.73 -13.43
CA GLN B 269 -12.82 3.02 -14.40
C GLN B 269 -14.29 3.09 -14.05
N ARG B 270 -14.63 3.17 -12.75
CA ARG B 270 -16.03 3.23 -12.37
C ARG B 270 -16.66 4.59 -12.68
N VAL B 271 -15.92 5.68 -12.49
CA VAL B 271 -16.48 7.01 -12.62
C VAL B 271 -16.18 7.67 -13.97
N ALA B 272 -15.27 7.11 -14.78
CA ALA B 272 -14.83 7.82 -15.97
C ALA B 272 -15.96 8.07 -16.97
N PRO B 273 -16.85 7.13 -17.28
CA PRO B 273 -17.91 7.44 -18.25
C PRO B 273 -18.78 8.60 -17.82
N ALA B 274 -19.26 8.60 -16.57
CA ALA B 274 -20.09 9.69 -16.10
C ALA B 274 -19.29 10.99 -16.00
N ALA B 275 -18.02 10.92 -15.58
CA ALA B 275 -17.19 12.11 -15.51
C ALA B 275 -16.97 12.71 -16.89
N LEU B 276 -16.73 11.86 -17.89
CA LEU B 276 -16.61 12.33 -19.26
C LEU B 276 -17.88 13.07 -19.71
N ALA B 277 -19.06 12.51 -19.40
CA ALA B 277 -20.31 13.15 -19.81
C ALA B 277 -20.46 14.52 -19.17
N PHE B 278 -20.05 14.67 -17.91
CA PHE B 278 -20.15 15.97 -17.25
C PHE B 278 -19.26 17.00 -17.92
N VAL B 279 -18.02 16.62 -18.26
CA VAL B 279 -17.16 17.55 -18.98
C VAL B 279 -17.74 17.88 -20.35
N SER B 280 -18.35 16.89 -21.00
CA SER B 280 -19.00 17.13 -22.28
C SER B 280 -20.16 18.09 -22.13
N GLU B 281 -20.92 17.97 -21.04
CA GLU B 281 -22.09 18.81 -20.83
C GLU B 281 -21.69 20.26 -20.54
N LYS B 282 -20.61 20.46 -19.78
CA LYS B 282 -20.23 21.79 -19.31
C LYS B 282 -19.19 22.47 -20.17
N GLY B 283 -18.41 21.72 -20.95
CA GLY B 283 -17.24 22.29 -21.59
C GLY B 283 -17.59 23.00 -22.88
N GLU B 284 -16.95 24.16 -23.08
CA GLU B 284 -17.16 24.98 -24.26
C GLU B 284 -15.81 25.48 -24.75
N THR B 285 -15.63 25.47 -26.06
CA THR B 285 -14.41 26.01 -26.66
C THR B 285 -14.75 27.20 -27.53
N SER B 286 -13.70 27.79 -28.10
CA SER B 286 -13.87 28.86 -29.07
C SER B 286 -14.58 28.40 -30.33
N VAL B 287 -14.67 27.10 -30.58
CA VAL B 287 -15.40 26.60 -31.75
C VAL B 287 -16.61 25.75 -31.35
N GLY B 288 -17.06 25.85 -30.10
CA GLY B 288 -18.24 25.14 -29.66
C GLY B 288 -17.96 23.93 -28.77
N GLU B 289 -18.63 22.81 -29.03
CA GLU B 289 -18.54 21.63 -28.17
C GLU B 289 -17.13 21.07 -28.18
N LEU B 290 -16.76 20.42 -27.07
CA LEU B 290 -15.46 19.76 -27.00
C LEU B 290 -15.43 18.56 -27.93
N PRO B 291 -14.26 18.24 -28.48
CA PRO B 291 -14.12 16.97 -29.20
C PRO B 291 -14.24 15.78 -28.25
N ALA B 292 -14.58 14.63 -28.81
CA ALA B 292 -14.54 13.40 -28.04
C ALA B 292 -13.10 13.09 -27.66
N PRO B 293 -12.90 12.34 -26.57
CA PRO B 293 -11.53 11.97 -26.18
C PRO B 293 -10.85 11.18 -27.27
N GLY B 294 -9.60 11.54 -27.55
CA GLY B 294 -8.80 10.80 -28.50
C GLY B 294 -8.48 9.40 -28.00
N SER B 295 -7.85 8.62 -28.88
CA SER B 295 -7.60 7.21 -28.56
C SER B 295 -6.61 7.04 -27.43
N LEU B 296 -5.63 7.94 -27.29
CA LEU B 296 -4.68 7.81 -26.18
C LEU B 296 -5.39 7.84 -24.84
N TYR B 297 -6.51 8.56 -24.74
CA TYR B 297 -7.26 8.59 -23.49
C TYR B 297 -7.70 7.18 -23.08
N PHE B 298 -8.18 6.39 -24.02
CA PHE B 298 -8.70 5.05 -23.72
C PHE B 298 -7.61 4.02 -23.48
N GLN B 299 -6.36 4.33 -23.78
CA GLN B 299 -5.25 3.45 -23.46
C GLN B 299 -4.69 3.68 -22.07
N ARG B 300 -5.24 4.64 -21.32
CA ARG B 300 -4.72 4.94 -19.98
C ARG B 300 -4.84 3.71 -19.09
N PHE B 301 -3.85 3.49 -18.23
CA PHE B 301 -3.89 2.36 -17.30
C PHE B 301 -3.98 1.03 -18.05
N GLY B 302 -3.32 0.97 -19.21
CA GLY B 302 -3.43 -0.24 -20.00
C GLY B 302 -4.78 -0.52 -20.61
N GLY B 303 -5.70 0.45 -20.58
CA GLY B 303 -6.99 0.26 -21.24
C GLY B 303 -8.19 0.44 -20.35
N LEU B 304 -9.11 1.34 -20.71
CA LEU B 304 -10.26 1.62 -19.85
C LEU B 304 -11.42 0.72 -20.22
N ASN B 305 -11.81 -0.15 -19.29
CA ASN B 305 -12.94 -1.06 -19.45
C ASN B 305 -14.20 -0.36 -18.98
N ILE B 306 -15.15 -0.15 -19.87
CA ILE B 306 -16.40 0.51 -19.51
C ILE B 306 -17.53 -0.50 -19.36
N SER C 2 -22.98 -33.51 -17.00
CA SER C 2 -22.12 -33.40 -18.17
C SER C 2 -20.78 -34.10 -17.89
N LYS C 3 -20.07 -34.47 -18.96
CA LYS C 3 -18.80 -35.16 -18.78
C LYS C 3 -17.70 -34.24 -18.25
N LEU C 4 -17.79 -32.93 -18.48
CA LEU C 4 -16.77 -32.02 -17.95
C LEU C 4 -16.77 -32.04 -16.42
N ASP C 5 -17.94 -31.93 -15.80
CA ASP C 5 -18.01 -31.99 -14.35
C ASP C 5 -17.54 -33.35 -13.85
N THR C 6 -17.94 -34.42 -14.53
CA THR C 6 -17.50 -35.75 -14.14
C THR C 6 -15.99 -35.85 -14.19
N PHE C 7 -15.38 -35.31 -15.25
CA PHE C 7 -13.93 -35.28 -15.30
C PHE C 7 -13.34 -34.47 -14.14
N ILE C 8 -13.92 -33.31 -13.84
CA ILE C 8 -13.38 -32.43 -12.81
C ILE C 8 -13.46 -33.10 -11.45
N GLN C 9 -14.62 -33.67 -11.12
CA GLN C 9 -14.81 -34.31 -9.83
C GLN C 9 -13.89 -35.50 -9.67
N HIS C 10 -13.75 -36.32 -10.73
CA HIS C 10 -12.82 -37.44 -10.64
C HIS C 10 -11.39 -36.96 -10.45
N ALA C 11 -11.00 -35.92 -11.18
CA ALA C 11 -9.63 -35.42 -11.09
C ALA C 11 -9.34 -34.90 -9.68
N VAL C 12 -10.31 -34.22 -9.07
CA VAL C 12 -10.08 -33.67 -7.74
C VAL C 12 -10.05 -34.79 -6.70
N ASN C 13 -10.75 -35.89 -6.95
CA ASN C 13 -10.80 -36.99 -5.99
C ASN C 13 -9.80 -38.11 -6.29
N ALA C 14 -9.06 -38.01 -7.40
CA ALA C 14 -8.16 -39.09 -7.78
C ALA C 14 -7.09 -39.31 -6.71
N VAL C 15 -6.59 -38.23 -6.13
CA VAL C 15 -5.50 -38.32 -5.17
C VAL C 15 -5.79 -37.39 -4.01
N PRO C 16 -5.31 -37.73 -2.82
CA PRO C 16 -5.43 -36.76 -1.72
C PRO C 16 -4.74 -35.48 -2.17
N VAL C 17 -5.43 -34.37 -1.99
CA VAL C 17 -4.90 -33.07 -2.40
C VAL C 17 -4.60 -32.28 -1.15
N SER C 18 -3.34 -31.89 -1.00
CA SER C 18 -2.94 -30.99 0.07
C SER C 18 -3.52 -29.59 -0.17
N GLY C 19 -4.15 -29.01 0.85
CA GLY C 19 -4.67 -27.66 0.71
C GLY C 19 -3.56 -26.65 0.47
N THR C 20 -2.47 -26.77 1.21
CA THR C 20 -1.35 -25.85 1.02
C THR C 20 -0.79 -25.97 -0.39
N SER C 21 -0.71 -27.20 -0.90
CA SER C 21 -0.14 -27.38 -2.23
C SER C 21 -1.06 -26.83 -3.31
N LEU C 22 -2.37 -27.08 -3.19
CA LEU C 22 -3.32 -26.59 -4.17
C LEU C 22 -3.35 -25.06 -4.19
N ILE C 23 -3.34 -24.45 -3.00
CA ILE C 23 -3.42 -23.00 -2.94
C ILE C 23 -2.13 -22.37 -3.43
N SER C 24 -0.99 -23.04 -3.22
CA SER C 24 0.26 -22.60 -3.82
C SER C 24 0.16 -22.61 -5.34
N SER C 25 -0.41 -23.69 -5.89
CA SER C 25 -0.61 -23.75 -7.33
C SER C 25 -1.49 -22.61 -7.79
N LEU C 26 -2.56 -22.34 -7.06
CA LEU C 26 -3.48 -21.27 -7.42
C LEU C 26 -2.77 -19.92 -7.45
N TYR C 27 -2.00 -19.61 -6.39
CA TYR C 27 -1.26 -18.35 -6.37
C TYR C 27 -0.26 -18.28 -7.51
N GLY C 28 0.53 -19.35 -7.67
CA GLY C 28 1.55 -19.33 -8.69
C GLY C 28 0.96 -19.15 -10.08
N ASP C 29 -0.15 -19.83 -10.36
CA ASP C 29 -0.69 -19.79 -11.71
C ASP C 29 -1.60 -18.59 -11.96
N SER C 30 -2.53 -18.32 -11.04
CA SER C 30 -3.59 -17.36 -11.30
C SER C 30 -3.37 -15.99 -10.68
N LEU C 31 -2.47 -15.84 -9.69
CA LEU C 31 -2.37 -14.57 -8.96
C LEU C 31 -1.01 -13.90 -9.06
N SER C 32 0.05 -14.62 -9.40
CA SER C 32 1.38 -14.03 -9.38
C SER C 32 1.58 -12.95 -10.44
N HIS C 33 0.82 -12.96 -11.54
CA HIS C 33 0.88 -11.89 -12.52
C HIS C 33 -0.27 -10.90 -12.33
N ARG C 34 -0.91 -10.94 -11.17
CA ARG C 34 -2.06 -10.10 -10.85
C ARG C 34 -1.94 -9.55 -9.44
N GLY C 35 -0.73 -9.23 -9.01
CA GLY C 35 -0.53 -8.56 -7.73
C GLY C 35 -0.25 -9.52 -6.58
N GLY C 36 -0.47 -10.82 -6.73
CA GLY C 36 -0.05 -11.75 -5.69
C GLY C 36 -0.86 -11.70 -4.42
N GLU C 37 -1.99 -10.98 -4.41
CA GLU C 37 -2.76 -10.79 -3.20
C GLU C 37 -4.24 -11.01 -3.46
N ILE C 38 -4.94 -11.63 -2.51
CA ILE C 38 -6.37 -11.87 -2.65
C ILE C 38 -7.02 -12.03 -1.28
N TRP C 39 -8.32 -11.76 -1.22
CA TRP C 39 -9.11 -11.99 -0.02
C TRP C 39 -9.30 -13.48 0.27
N LEU C 40 -9.25 -13.85 1.54
CA LEU C 40 -9.61 -15.20 1.92
C LEU C 40 -10.98 -15.57 1.34
N GLY C 41 -11.93 -14.64 1.40
CA GLY C 41 -13.26 -14.91 0.86
C GLY C 41 -13.24 -15.24 -0.63
N SER C 42 -12.37 -14.58 -1.40
CA SER C 42 -12.27 -14.91 -2.82
C SER C 42 -11.74 -16.33 -3.00
N LEU C 43 -10.72 -16.71 -2.23
CA LEU C 43 -10.20 -18.07 -2.35
C LEU C 43 -11.27 -19.10 -2.02
N ALA C 44 -12.10 -18.82 -1.00
CA ALA C 44 -13.17 -19.75 -0.66
C ALA C 44 -14.14 -19.89 -1.83
N ALA C 45 -14.53 -18.77 -2.44
CA ALA C 45 -15.44 -18.81 -3.58
C ALA C 45 -14.80 -19.51 -4.78
N LEU C 46 -13.48 -19.39 -4.93
CA LEU C 46 -12.82 -20.01 -6.07
C LEU C 46 -12.78 -21.53 -5.94
N LEU C 47 -12.74 -22.04 -4.71
CA LEU C 47 -12.58 -23.46 -4.45
C LEU C 47 -13.87 -24.14 -4.01
N GLU C 48 -14.92 -23.37 -3.74
CA GLU C 48 -16.18 -23.90 -3.23
C GLU C 48 -16.75 -24.97 -4.15
N GLY C 49 -16.82 -24.68 -5.45
CA GLY C 49 -17.39 -25.56 -6.45
C GLY C 49 -16.63 -26.86 -6.66
N LEU C 50 -15.40 -26.95 -6.19
CA LEU C 50 -14.67 -28.21 -6.18
C LEU C 50 -14.95 -29.03 -4.94
N GLY C 51 -15.76 -28.50 -4.02
CA GLY C 51 -16.06 -29.18 -2.76
C GLY C 51 -15.18 -28.82 -1.58
N PHE C 52 -14.26 -27.87 -1.72
CA PHE C 52 -13.43 -27.46 -0.60
C PHE C 52 -14.18 -26.38 0.17
N GLY C 53 -14.44 -26.64 1.44
CA GLY C 53 -15.19 -25.70 2.24
C GLY C 53 -14.28 -24.67 2.89
N GLU C 54 -14.92 -23.68 3.49
CA GLU C 54 -14.17 -22.52 3.99
C GLU C 54 -13.10 -22.92 5.00
N ARG C 55 -13.41 -23.83 5.93
CA ARG C 55 -12.45 -24.19 6.96
C ARG C 55 -11.21 -24.83 6.37
N PHE C 56 -11.40 -25.68 5.36
CA PHE C 56 -10.25 -26.23 4.65
C PHE C 56 -9.38 -25.11 4.08
N VAL C 57 -9.99 -24.10 3.46
CA VAL C 57 -9.21 -23.00 2.88
C VAL C 57 -8.49 -22.24 3.99
N ARG C 58 -9.20 -21.91 5.07
CA ARG C 58 -8.60 -21.19 6.18
C ARG C 58 -7.39 -21.93 6.73
N THR C 59 -7.53 -23.23 6.94
CA THR C 59 -6.43 -24.01 7.49
C THR C 59 -5.24 -24.02 6.56
N ALA C 60 -5.47 -24.18 5.26
CA ALA C 60 -4.35 -24.16 4.31
C ALA C 60 -3.65 -22.81 4.35
N LEU C 61 -4.43 -21.72 4.35
CA LEU C 61 -3.82 -20.39 4.36
C LEU C 61 -3.02 -20.16 5.63
N PHE C 62 -3.57 -20.55 6.78
CA PHE C 62 -2.85 -20.43 8.04
C PHE C 62 -1.53 -21.19 7.97
N ARG C 63 -1.55 -22.42 7.44
CA ARG C 63 -0.32 -23.20 7.34
C ARG C 63 0.68 -22.58 6.38
N LEU C 64 0.19 -22.04 5.25
CA LEU C 64 1.11 -21.43 4.29
C LEU C 64 1.80 -20.21 4.89
N ASN C 65 1.05 -19.42 5.68
CA ASN C 65 1.69 -18.33 6.42
C ASN C 65 2.72 -18.87 7.39
N LYS C 66 2.38 -19.93 8.12
CA LYS C 66 3.30 -20.47 9.12
C LYS C 66 4.57 -21.00 8.46
N GLU C 67 4.47 -21.50 7.24
CA GLU C 67 5.65 -21.93 6.49
C GLU C 67 6.43 -20.78 5.88
N GLY C 68 5.98 -19.53 6.06
CA GLY C 68 6.66 -18.39 5.48
C GLY C 68 6.36 -18.12 4.03
N TRP C 69 5.36 -18.78 3.45
CA TRP C 69 5.07 -18.63 2.03
C TRP C 69 4.11 -17.49 1.74
N LEU C 70 3.19 -17.22 2.66
CA LEU C 70 2.20 -16.16 2.49
C LEU C 70 2.26 -15.24 3.68
N ASP C 71 2.24 -13.93 3.42
CA ASP C 71 1.96 -12.90 4.39
C ASP C 71 0.46 -12.64 4.40
N VAL C 72 -0.03 -12.03 5.49
CA VAL C 72 -1.45 -11.75 5.66
C VAL C 72 -1.64 -10.35 6.22
N SER C 73 -2.65 -9.65 5.72
CA SER C 73 -2.99 -8.31 6.16
C SER C 73 -4.46 -8.36 6.56
N ARG C 74 -4.75 -7.94 7.77
CA ARG C 74 -6.11 -7.81 8.24
C ARG C 74 -6.47 -6.34 8.07
N ILE C 75 -7.40 -6.05 7.17
CA ILE C 75 -7.80 -4.68 6.89
C ILE C 75 -9.31 -4.61 7.04
N GLY C 76 -9.78 -3.74 7.93
CA GLY C 76 -11.19 -3.83 8.25
C GLY C 76 -11.51 -5.20 8.81
N ARG C 77 -12.62 -5.77 8.35
CA ARG C 77 -13.02 -7.10 8.79
C ARG C 77 -12.71 -8.17 7.76
N ARG C 78 -11.68 -7.96 6.94
CA ARG C 78 -11.29 -8.95 5.95
C ARG C 78 -9.81 -9.27 6.08
N SER C 79 -9.47 -10.52 5.80
CA SER C 79 -8.09 -10.99 5.76
C SER C 79 -7.62 -11.16 4.32
N PHE C 80 -6.47 -10.58 3.99
CA PHE C 80 -5.88 -10.66 2.65
C PHE C 80 -4.54 -11.37 2.74
N TYR C 81 -4.34 -12.38 1.90
CA TYR C 81 -3.13 -13.19 1.88
C TYR C 81 -2.37 -12.91 0.59
N SER C 82 -1.06 -12.71 0.72
CA SER C 82 -0.21 -12.32 -0.39
C SER C 82 1.07 -13.13 -0.36
N LEU C 83 1.69 -13.27 -1.52
CA LEU C 83 3.00 -13.91 -1.56
C LEU C 83 3.99 -13.15 -0.67
N SER C 84 4.65 -13.87 0.22
CA SER C 84 5.74 -13.30 0.99
C SER C 84 6.97 -13.14 0.08
N ASP C 85 8.02 -12.51 0.62
CA ASP C 85 9.27 -12.43 -0.15
C ASP C 85 9.77 -13.82 -0.52
N LYS C 86 9.75 -14.75 0.42
CA LYS C 86 10.12 -16.12 0.11
C LYS C 86 9.17 -16.72 -0.94
N GLY C 87 7.87 -16.56 -0.73
CA GLY C 87 6.91 -17.09 -1.68
C GLY C 87 7.12 -16.52 -3.07
N LEU C 88 7.47 -15.24 -3.16
CA LEU C 88 7.73 -14.60 -4.45
C LEU C 88 8.94 -15.23 -5.14
N ARG C 89 10.04 -15.43 -4.42
CA ARG C 89 11.23 -15.99 -5.05
C ARG C 89 10.97 -17.43 -5.48
N LEU C 90 10.31 -18.22 -4.65
CA LEU C 90 9.98 -19.59 -5.04
C LEU C 90 9.05 -19.61 -6.25
N THR C 91 8.08 -18.70 -6.28
CA THR C 91 7.14 -18.65 -7.40
C THR C 91 7.82 -18.25 -8.70
N ARG C 92 8.74 -17.27 -8.65
CA ARG C 92 9.44 -16.87 -9.86
C ARG C 92 10.34 -17.98 -10.37
N ARG C 93 10.98 -18.68 -9.44
CA ARG C 93 11.83 -19.83 -9.75
C ARG C 93 11.04 -20.93 -10.46
N ALA C 94 9.90 -21.33 -9.88
CA ALA C 94 9.05 -22.33 -10.52
C ALA C 94 8.52 -21.84 -11.86
N GLU C 95 8.31 -20.53 -11.98
CA GLU C 95 7.77 -19.99 -13.22
C GLU C 95 8.69 -20.32 -14.39
N SER C 96 10.01 -20.23 -14.17
CA SER C 96 10.97 -20.55 -15.23
C SER C 96 10.84 -22.01 -15.68
N LYS C 97 10.60 -22.92 -14.74
CA LYS C 97 10.56 -24.34 -15.07
C LYS C 97 9.20 -24.73 -15.65
N ILE C 98 8.12 -24.15 -15.14
CA ILE C 98 6.78 -24.55 -15.55
C ILE C 98 6.39 -23.96 -16.91
N TYR C 99 6.65 -22.66 -17.15
CA TYR C 99 6.11 -21.99 -18.33
C TYR C 99 7.10 -21.69 -19.46
N ARG C 100 8.40 -21.75 -19.21
CA ARG C 100 9.22 -22.58 -20.09
C ARG C 100 9.04 -22.34 -21.60
N ALA C 101 10.09 -21.89 -22.32
CA ALA C 101 10.07 -21.81 -23.78
C ALA C 101 10.78 -23.08 -24.28
N GLU C 102 12.12 -23.09 -24.26
CA GLU C 102 12.73 -24.01 -23.32
C GLU C 102 14.24 -24.01 -23.36
N GLN C 103 14.89 -25.21 -23.24
CA GLN C 103 16.26 -25.19 -22.79
C GLN C 103 17.06 -24.22 -23.63
N PRO C 104 17.83 -23.38 -22.99
CA PRO C 104 19.07 -22.92 -23.58
C PRO C 104 19.90 -24.13 -23.96
N ALA C 105 20.68 -23.95 -25.02
CA ALA C 105 21.59 -24.97 -25.49
C ALA C 105 22.65 -25.22 -24.43
N TRP C 106 23.14 -26.46 -24.39
CA TRP C 106 24.03 -26.91 -23.34
C TRP C 106 25.48 -26.80 -23.80
N ASP C 107 26.34 -26.25 -22.93
CA ASP C 107 27.74 -26.09 -23.25
C ASP C 107 28.55 -27.36 -23.06
N GLY C 108 27.92 -28.43 -22.58
CA GLY C 108 28.60 -29.69 -22.38
C GLY C 108 29.40 -29.78 -21.09
N LYS C 109 29.39 -28.74 -20.27
CA LYS C 109 30.21 -28.70 -19.07
C LYS C 109 29.37 -29.16 -17.88
N TRP C 110 30.04 -29.87 -16.97
CA TRP C 110 29.41 -30.38 -15.76
C TRP C 110 30.07 -29.71 -14.56
N LEU C 111 29.36 -29.74 -13.43
CA LEU C 111 29.95 -29.44 -12.14
C LEU C 111 29.90 -30.70 -11.30
N LEU C 112 31.06 -31.13 -10.82
CA LEU C 112 31.18 -32.33 -9.99
C LEU C 112 31.63 -31.91 -8.60
N LEU C 113 31.01 -32.50 -7.59
CA LEU C 113 31.30 -32.13 -6.21
C LEU C 113 31.69 -33.38 -5.45
N LEU C 114 32.87 -33.34 -4.83
CA LEU C 114 33.35 -34.43 -4.00
C LEU C 114 33.35 -33.96 -2.56
N SER C 115 32.59 -34.66 -1.72
CA SER C 115 32.34 -34.25 -0.34
C SER C 115 32.92 -35.31 0.60
N GLU C 116 34.17 -35.07 0.98
CA GLU C 116 34.91 -35.87 1.94
C GLU C 116 36.02 -35.05 2.58
N GLY C 117 36.20 -35.41 3.84
CA GLY C 117 36.99 -34.80 4.85
C GLY C 117 36.11 -34.35 6.00
N LEU C 118 34.84 -34.70 5.95
CA LEU C 118 33.88 -34.55 7.05
C LEU C 118 33.19 -35.90 7.14
N ASP C 119 32.88 -36.35 8.35
CA ASP C 119 32.36 -37.71 8.31
C ASP C 119 30.89 -37.71 7.91
N LYS C 120 30.49 -38.84 7.41
CA LYS C 120 29.27 -38.95 6.62
C LYS C 120 27.89 -38.71 7.40
N SER C 121 27.74 -37.86 8.40
CA SER C 121 26.41 -37.51 8.88
C SER C 121 26.02 -36.09 8.46
N THR C 122 26.94 -35.13 8.57
CA THR C 122 26.78 -33.89 7.83
C THR C 122 26.77 -34.19 6.34
N LEU C 123 27.43 -35.27 5.92
CA LEU C 123 27.56 -35.52 4.50
C LEU C 123 26.18 -35.68 3.87
N ALA C 124 25.36 -36.57 4.44
CA ALA C 124 24.04 -36.82 3.88
C ALA C 124 23.18 -35.55 3.88
N ASP C 125 23.35 -34.70 4.90
CA ASP C 125 22.61 -33.44 4.90
C ASP C 125 22.92 -32.63 3.65
N VAL C 126 24.21 -32.40 3.39
CA VAL C 126 24.60 -31.60 2.25
C VAL C 126 24.31 -32.33 0.94
N LYS C 127 24.46 -33.67 0.94
CA LYS C 127 24.08 -34.46 -0.23
C LYS C 127 22.67 -34.13 -0.70
N LYS C 128 21.67 -34.24 0.18
CA LYS C 128 20.31 -33.94 -0.23
C LYS C 128 20.11 -32.46 -0.54
N GLN C 129 20.72 -31.56 0.23
CA GLN C 129 20.57 -30.15 -0.09
C GLN C 129 20.91 -29.91 -1.56
N LEU C 130 22.00 -30.52 -2.02
CA LEU C 130 22.39 -30.43 -3.43
C LEU C 130 21.38 -31.15 -4.33
N ILE C 131 20.89 -32.31 -3.90
CA ILE C 131 19.87 -33.03 -4.67
C ILE C 131 18.66 -32.14 -4.90
N TRP C 132 18.21 -31.42 -3.87
CA TRP C 132 17.06 -30.56 -4.01
C TRP C 132 17.33 -29.44 -5.00
N GLN C 133 18.60 -29.14 -5.26
CA GLN C 133 19.01 -28.13 -6.24
C GLN C 133 19.14 -28.67 -7.66
N GLY C 134 18.95 -29.98 -7.87
CA GLY C 134 19.04 -30.56 -9.19
C GLY C 134 20.24 -31.46 -9.44
N PHE C 135 21.05 -31.74 -8.42
CA PHE C 135 22.24 -32.57 -8.57
C PHE C 135 21.87 -34.04 -8.44
N GLY C 136 22.60 -34.88 -9.16
CA GLY C 136 22.41 -36.33 -9.10
C GLY C 136 23.62 -36.98 -8.44
N ALA C 137 23.37 -38.09 -7.74
CA ALA C 137 24.43 -38.82 -7.02
C ALA C 137 25.10 -39.83 -7.94
N LEU C 138 26.05 -39.33 -8.75
CA LEU C 138 26.81 -40.22 -9.63
C LEU C 138 27.59 -41.25 -8.82
N ALA C 139 28.00 -40.90 -7.61
CA ALA C 139 28.63 -41.82 -6.67
C ALA C 139 28.27 -41.36 -5.26
N PRO C 140 28.42 -42.24 -4.26
CA PRO C 140 27.98 -41.89 -2.89
C PRO C 140 28.78 -40.76 -2.24
N SER C 141 29.65 -40.12 -3.01
CA SER C 141 30.39 -38.97 -2.54
C SER C 141 30.56 -37.93 -3.65
N LEU C 142 29.97 -38.15 -4.81
CA LEU C 142 30.16 -37.30 -5.99
C LEU C 142 28.79 -36.82 -6.45
N MET C 143 28.54 -35.53 -6.32
CA MET C 143 27.33 -34.92 -6.82
C MET C 143 27.63 -34.22 -8.13
N ALA C 144 26.68 -34.26 -9.05
CA ALA C 144 26.92 -33.76 -10.40
C ALA C 144 25.69 -33.05 -10.93
N SER C 145 25.93 -32.04 -11.76
CA SER C 145 24.87 -31.36 -12.47
C SER C 145 25.46 -30.88 -13.79
N PRO C 146 24.80 -31.14 -14.91
CA PRO C 146 25.24 -30.55 -16.18
C PRO C 146 24.74 -29.13 -16.37
N SER C 147 23.89 -28.64 -15.48
CA SER C 147 23.24 -27.35 -15.63
C SER C 147 23.73 -26.33 -14.60
N GLN C 148 23.86 -26.72 -13.34
CA GLN C 148 24.28 -25.76 -12.33
C GLN C 148 25.77 -25.44 -12.51
N LYS C 149 26.18 -24.32 -11.93
CA LYS C 149 27.58 -23.93 -11.87
C LYS C 149 27.92 -23.50 -10.46
N LEU C 150 29.22 -23.46 -10.16
CA LEU C 150 29.76 -23.08 -8.85
C LEU C 150 29.03 -21.89 -8.25
N ALA C 151 28.71 -20.89 -9.07
CA ALA C 151 28.03 -19.71 -8.54
C ALA C 151 26.74 -20.08 -7.81
N ASP C 152 26.03 -21.10 -8.28
CA ASP C 152 24.76 -21.49 -7.68
C ASP C 152 24.90 -22.29 -6.39
N VAL C 153 26.10 -22.66 -5.96
CA VAL C 153 26.23 -23.47 -4.76
C VAL C 153 27.22 -22.87 -3.76
N GLN C 154 27.99 -21.88 -4.20
CA GLN C 154 28.94 -21.22 -3.29
C GLN C 154 28.28 -20.88 -1.96
N THR C 155 27.17 -20.14 -2.02
CA THR C 155 26.49 -19.72 -0.79
C THR C 155 26.04 -20.93 0.03
N LEU C 156 25.39 -21.89 -0.62
CA LEU C 156 24.91 -23.08 0.07
C LEU C 156 26.05 -23.78 0.81
N LEU C 157 27.18 -23.93 0.14
CA LEU C 157 28.30 -24.66 0.73
C LEU C 157 28.84 -23.97 1.97
N HIS C 158 28.88 -22.63 1.97
CA HIS C 158 29.59 -21.93 3.04
C HIS C 158 28.92 -22.09 4.39
N GLU C 159 27.64 -21.76 4.50
CA GLU C 159 26.94 -21.92 5.77
C GLU C 159 26.17 -23.23 5.88
N ALA C 160 26.51 -24.20 5.04
CA ALA C 160 26.42 -25.59 5.48
C ALA C 160 27.65 -25.96 6.30
N GLY C 161 28.67 -25.10 6.28
CA GLY C 161 29.90 -25.29 7.02
C GLY C 161 30.88 -26.25 6.37
N VAL C 162 30.76 -26.47 5.07
CA VAL C 162 31.58 -27.42 4.34
C VAL C 162 32.24 -26.73 3.15
N ALA C 163 32.32 -25.40 3.20
CA ALA C 163 32.74 -24.65 2.02
C ALA C 163 34.02 -25.22 1.43
N ASP C 164 35.13 -25.15 2.16
CA ASP C 164 36.36 -25.78 1.70
C ASP C 164 36.60 -27.17 2.29
N ASN C 165 35.54 -27.96 2.42
CA ASN C 165 35.64 -29.39 2.67
C ASN C 165 35.08 -30.15 1.48
N VAL C 166 34.78 -29.43 0.40
CA VAL C 166 34.19 -29.98 -0.81
C VAL C 166 35.12 -29.66 -1.96
N ILE C 167 35.44 -30.67 -2.78
CA ILE C 167 36.26 -30.50 -3.95
C ILE C 167 35.34 -30.34 -5.15
N ALA C 168 35.53 -29.27 -5.91
CA ALA C 168 34.69 -28.97 -7.05
C ALA C 168 35.49 -29.15 -8.33
N PHE C 169 34.87 -29.78 -9.32
CA PHE C 169 35.49 -30.00 -10.62
C PHE C 169 34.58 -29.43 -11.70
N GLU C 170 35.17 -28.70 -12.63
CA GLU C 170 34.49 -28.36 -13.87
C GLU C 170 34.99 -29.35 -14.91
N ALA C 171 34.09 -30.23 -15.35
CA ALA C 171 34.47 -31.35 -16.16
C ALA C 171 33.76 -31.29 -17.51
N GLN C 172 34.30 -32.04 -18.45
CA GLN C 172 33.75 -32.13 -19.79
C GLN C 172 33.97 -33.57 -20.25
N ILE C 173 33.10 -34.05 -21.12
CA ILE C 173 33.31 -35.39 -21.62
C ILE C 173 33.52 -35.37 -23.12
N PRO C 174 34.70 -35.76 -23.59
CA PRO C 174 35.04 -35.57 -25.00
C PRO C 174 34.58 -36.74 -25.85
N LEU C 175 33.49 -37.40 -25.45
CA LEU C 175 32.98 -38.56 -26.16
C LEU C 175 31.52 -38.37 -26.51
N ALA C 176 31.18 -38.66 -27.78
CA ALA C 176 29.82 -38.53 -28.30
C ALA C 176 29.46 -39.67 -29.24
N LEU C 177 30.34 -40.67 -29.43
CA LEU C 177 29.99 -41.94 -30.09
C LEU C 177 29.25 -42.96 -29.23
N SER C 178 29.40 -42.98 -27.92
CA SER C 178 28.68 -44.02 -27.22
C SER C 178 28.60 -43.85 -25.67
N ARG C 179 28.01 -42.75 -25.22
CA ARG C 179 27.02 -42.62 -24.15
C ARG C 179 26.15 -43.77 -23.64
N ALA C 180 26.06 -44.94 -24.24
CA ALA C 180 25.10 -45.87 -23.62
C ALA C 180 25.31 -46.06 -22.11
N ALA C 181 26.54 -46.32 -21.66
CA ALA C 181 26.81 -46.51 -20.23
C ALA C 181 26.54 -45.24 -19.42
N LEU C 182 26.99 -44.07 -19.89
CA LEU C 182 26.73 -42.84 -19.14
C LEU C 182 25.24 -42.59 -19.03
N ARG C 183 24.56 -42.64 -20.17
CA ARG C 183 23.14 -42.28 -20.15
C ARG C 183 22.39 -43.18 -19.19
N ALA C 184 22.82 -44.44 -19.08
CA ALA C 184 22.27 -45.33 -18.09
C ALA C 184 22.57 -44.83 -16.69
N ARG C 185 23.79 -44.32 -16.47
CA ARG C 185 24.16 -43.81 -15.16
C ARG C 185 23.22 -42.69 -14.71
N VAL C 186 22.98 -41.71 -15.59
CA VAL C 186 22.09 -40.59 -15.24
C VAL C 186 20.67 -41.07 -14.98
N GLU C 187 20.19 -42.02 -15.78
CA GLU C 187 18.80 -42.45 -15.66
C GLU C 187 18.51 -42.96 -14.25
N GLU C 188 19.36 -43.83 -13.73
CA GLU C 188 19.17 -44.32 -12.36
C GLU C 188 19.63 -43.30 -11.32
N ALA C 189 20.65 -42.49 -11.66
CA ALA C 189 21.13 -41.49 -10.71
C ALA C 189 20.05 -40.45 -10.44
N TRP C 190 19.27 -40.08 -11.46
CA TRP C 190 18.20 -39.11 -11.31
C TRP C 190 16.82 -39.76 -11.29
N HIS C 191 16.74 -41.09 -11.29
CA HIS C 191 15.47 -41.79 -11.30
C HIS C 191 14.59 -41.36 -12.47
N LEU C 192 15.21 -41.24 -13.65
CA LEU C 192 14.49 -40.75 -14.82
C LEU C 192 13.36 -41.68 -15.24
N THR C 193 13.45 -42.97 -14.87
CA THR C 193 12.33 -43.88 -15.14
C THR C 193 11.12 -43.53 -14.30
N GLU C 194 11.33 -43.17 -13.02
CA GLU C 194 10.24 -42.65 -12.21
C GLU C 194 9.64 -41.39 -12.82
N GLN C 195 10.50 -40.46 -13.24
CA GLN C 195 10.02 -39.19 -13.78
C GLN C 195 9.18 -39.40 -15.02
N ASN C 196 9.65 -40.25 -15.94
CA ASN C 196 8.89 -40.51 -17.16
C ASN C 196 7.54 -41.14 -16.83
N ALA C 197 7.52 -42.04 -15.84
CA ALA C 197 6.25 -42.63 -15.44
C ALA C 197 5.30 -41.56 -14.92
N MET C 198 5.83 -40.57 -14.21
CA MET C 198 5.00 -39.47 -13.72
C MET C 198 4.45 -38.64 -14.87
N TYR C 199 5.30 -38.32 -15.83
CA TYR C 199 4.83 -37.59 -17.00
C TYR C 199 3.72 -38.36 -17.67
N GLU C 200 3.83 -39.68 -17.59
CA GLU C 200 3.01 -40.55 -18.40
C GLU C 200 1.70 -40.83 -17.70
N THR C 201 1.68 -40.89 -16.35
CA THR C 201 0.42 -40.79 -15.60
C THR C 201 -0.30 -39.47 -15.91
N PHE C 202 0.45 -38.36 -15.97
CA PHE C 202 -0.15 -37.07 -16.30
C PHE C 202 -0.86 -37.09 -17.65
N ILE C 203 -0.19 -37.61 -18.68
CA ILE C 203 -0.77 -37.68 -20.02
C ILE C 203 -2.06 -38.51 -20.01
N GLN C 204 -2.03 -39.69 -19.38
CA GLN C 204 -3.22 -40.53 -19.36
C GLN C 204 -4.37 -39.88 -18.62
N SER C 205 -4.06 -39.07 -17.59
CA SER C 205 -5.11 -38.45 -16.78
C SER C 205 -5.81 -37.33 -17.52
N PHE C 206 -5.08 -36.55 -18.31
CA PHE C 206 -5.66 -35.35 -18.88
C PHE C 206 -5.94 -35.43 -20.37
N ARG C 207 -5.44 -36.48 -21.04
CA ARG C 207 -5.71 -36.66 -22.47
C ARG C 207 -7.20 -36.67 -22.80
N PRO C 208 -8.08 -37.31 -22.01
CA PRO C 208 -9.51 -37.26 -22.33
C PRO C 208 -10.12 -35.86 -22.30
N LEU C 209 -9.42 -34.88 -21.70
CA LEU C 209 -9.98 -33.54 -21.61
C LEU C 209 -10.03 -32.85 -22.97
N VAL C 210 -9.09 -33.17 -23.87
CA VAL C 210 -9.02 -32.49 -25.18
C VAL C 210 -10.31 -32.70 -25.98
N PRO C 211 -10.75 -33.94 -26.25
CA PRO C 211 -12.04 -34.11 -26.94
C PRO C 211 -13.21 -33.54 -26.16
N LEU C 212 -13.21 -33.69 -24.84
CA LEU C 212 -14.28 -33.14 -24.02
C LEU C 212 -14.38 -31.61 -24.19
N LEU C 213 -13.25 -30.91 -24.17
CA LEU C 213 -13.30 -29.46 -24.32
C LEU C 213 -13.78 -29.07 -25.72
N LYS C 214 -13.37 -29.81 -26.75
CA LYS C 214 -13.86 -29.54 -28.10
C LYS C 214 -15.35 -29.81 -28.20
N GLU C 215 -15.85 -30.85 -27.53
CA GLU C 215 -17.27 -31.16 -27.63
C GLU C 215 -18.09 -30.10 -26.90
N ALA C 216 -17.67 -29.72 -25.69
CA ALA C 216 -18.42 -28.81 -24.84
C ALA C 216 -17.85 -27.39 -24.83
N ALA C 217 -17.29 -26.94 -25.95
CA ALA C 217 -16.65 -25.62 -25.96
C ALA C 217 -17.61 -24.55 -25.47
N ASP C 218 -18.87 -24.62 -25.89
CA ASP C 218 -19.83 -23.58 -25.57
C ASP C 218 -20.33 -23.69 -24.13
N GLU C 219 -20.39 -24.90 -23.58
CA GLU C 219 -20.89 -25.11 -22.22
C GLU C 219 -19.83 -24.86 -21.16
N LEU C 220 -18.62 -24.47 -21.55
CA LEU C 220 -17.52 -24.26 -20.62
C LEU C 220 -17.72 -22.91 -19.94
N THR C 221 -18.20 -22.94 -18.70
CA THR C 221 -18.40 -21.72 -17.94
C THR C 221 -17.08 -21.26 -17.31
N PRO C 222 -16.99 -19.98 -16.94
CA PRO C 222 -15.76 -19.51 -16.26
C PRO C 222 -15.35 -20.36 -15.06
N GLU C 223 -16.30 -20.70 -14.19
CA GLU C 223 -15.94 -21.51 -13.02
C GLU C 223 -15.34 -22.86 -13.43
N ARG C 224 -15.95 -23.54 -14.40
CA ARG C 224 -15.42 -24.84 -14.82
C ARG C 224 -14.09 -24.70 -15.54
N ALA C 225 -13.94 -23.64 -16.35
CA ALA C 225 -12.64 -23.37 -16.96
C ALA C 225 -11.56 -23.15 -15.89
N PHE C 226 -11.87 -22.39 -14.83
CA PHE C 226 -10.87 -22.13 -13.80
C PHE C 226 -10.52 -23.41 -13.05
N HIS C 227 -11.54 -24.23 -12.72
CA HIS C 227 -11.26 -25.50 -12.04
C HIS C 227 -10.42 -26.43 -12.91
N ILE C 228 -10.68 -26.46 -14.21
CA ILE C 228 -9.86 -27.32 -15.08
C ILE C 228 -8.43 -26.81 -15.09
N GLN C 229 -8.27 -25.49 -15.29
CA GLN C 229 -6.92 -24.93 -15.35
C GLN C 229 -6.18 -25.17 -14.04
N LEU C 230 -6.86 -24.98 -12.91
CA LEU C 230 -6.17 -25.14 -11.64
C LEU C 230 -5.72 -26.59 -11.44
N LEU C 231 -6.62 -27.54 -11.70
CA LEU C 231 -6.24 -28.94 -11.56
C LEU C 231 -5.15 -29.32 -12.55
N LEU C 232 -5.27 -28.86 -13.80
CA LEU C 232 -4.24 -29.16 -14.80
C LEU C 232 -2.89 -28.66 -14.33
N ILE C 233 -2.79 -27.37 -14.00
CA ILE C 233 -1.48 -26.81 -13.70
C ILE C 233 -0.97 -27.36 -12.38
N HIS C 234 -1.88 -27.63 -11.44
CA HIS C 234 -1.44 -28.19 -10.17
C HIS C 234 -0.75 -29.53 -10.38
N PHE C 235 -1.40 -30.43 -11.12
CA PHE C 235 -0.79 -31.75 -11.34
C PHE C 235 0.39 -31.68 -12.29
N TYR C 236 0.36 -30.77 -13.28
CA TYR C 236 1.54 -30.58 -14.12
C TYR C 236 2.71 -30.07 -13.31
N ARG C 237 2.46 -29.07 -12.44
CA ARG C 237 3.52 -28.51 -11.60
C ARG C 237 4.12 -29.57 -10.68
N ARG C 238 3.30 -30.50 -10.18
CA ARG C 238 3.81 -31.58 -9.34
C ARG C 238 4.90 -32.38 -10.06
N VAL C 239 4.70 -32.68 -11.35
CA VAL C 239 5.66 -33.50 -12.09
C VAL C 239 6.86 -32.68 -12.53
N VAL C 240 6.61 -31.48 -13.08
CA VAL C 240 7.67 -30.71 -13.70
C VAL C 240 8.66 -30.21 -12.67
N LEU C 241 8.19 -29.85 -11.47
CA LEU C 241 9.12 -29.33 -10.47
C LEU C 241 10.07 -30.42 -9.96
N LYS C 242 9.67 -31.69 -10.04
CA LYS C 242 10.55 -32.80 -9.70
C LYS C 242 11.51 -33.16 -10.82
N ASP C 243 11.34 -32.59 -12.00
CA ASP C 243 12.16 -32.92 -13.15
C ASP C 243 13.50 -32.17 -13.05
N PRO C 244 14.64 -32.87 -13.08
CA PRO C 244 15.92 -32.14 -13.08
C PRO C 244 16.17 -31.35 -14.35
N LEU C 245 15.36 -31.58 -15.39
CA LEU C 245 15.44 -30.83 -16.64
C LEU C 245 16.84 -30.92 -17.25
N LEU C 246 17.32 -32.16 -17.38
CA LEU C 246 18.61 -32.43 -17.99
C LEU C 246 18.56 -32.18 -19.50
N PRO C 247 19.71 -31.92 -20.11
CA PRO C 247 19.74 -31.73 -21.57
C PRO C 247 19.16 -32.94 -22.28
N GLU C 248 18.53 -32.70 -23.43
CA GLU C 248 17.93 -33.81 -24.17
C GLU C 248 18.93 -34.93 -24.45
N GLU C 249 20.19 -34.58 -24.70
CA GLU C 249 21.17 -35.59 -25.10
C GLU C 249 21.31 -36.68 -24.04
N LEU C 250 20.98 -36.37 -22.78
CA LEU C 250 21.14 -37.31 -21.68
C LEU C 250 19.85 -38.05 -21.33
N LEU C 251 18.77 -37.80 -22.07
CA LEU C 251 17.52 -38.41 -21.64
C LEU C 251 17.27 -39.72 -22.35
N PRO C 252 16.50 -40.62 -21.73
CA PRO C 252 16.09 -41.85 -22.41
C PRO C 252 15.40 -41.51 -23.72
N ALA C 253 15.36 -42.51 -24.61
CA ALA C 253 14.94 -42.25 -25.98
C ALA C 253 13.47 -41.88 -26.13
N HIS C 254 12.62 -42.18 -25.14
CA HIS C 254 11.18 -41.97 -25.31
C HIS C 254 10.61 -41.10 -24.19
N TRP C 255 11.31 -40.00 -23.90
CA TRP C 255 10.91 -39.05 -22.88
C TRP C 255 9.53 -38.45 -23.14
N ALA C 256 8.56 -38.81 -22.30
CA ALA C 256 7.19 -38.31 -22.43
C ALA C 256 7.06 -36.84 -22.05
N GLY C 257 8.10 -36.23 -21.49
CA GLY C 257 7.98 -34.86 -21.01
C GLY C 257 7.51 -33.87 -22.06
N HIS C 258 7.96 -34.03 -23.31
CA HIS C 258 7.51 -33.11 -24.36
C HIS C 258 6.04 -33.29 -24.67
N THR C 259 5.59 -34.55 -24.70
CA THR C 259 4.17 -34.81 -24.92
C THR C 259 3.34 -34.24 -23.78
N ALA C 260 3.79 -34.45 -22.54
CA ALA C 260 3.10 -33.89 -21.39
C ALA C 260 3.03 -32.38 -21.50
N ARG C 261 4.14 -31.75 -21.88
CA ARG C 261 4.16 -30.30 -22.04
C ARG C 261 3.18 -29.85 -23.11
N GLN C 262 3.20 -30.52 -24.27
CA GLN C 262 2.33 -30.11 -25.36
C GLN C 262 0.87 -30.25 -24.98
N LEU C 263 0.53 -31.32 -24.27
CA LEU C 263 -0.84 -31.51 -23.80
C LEU C 263 -1.24 -30.41 -22.81
N ALA C 264 -0.36 -30.12 -21.86
CA ALA C 264 -0.63 -29.06 -20.90
C ALA C 264 -0.92 -27.75 -21.61
N ILE C 265 -0.08 -27.41 -22.60
CA ILE C 265 -0.28 -26.15 -23.33
C ILE C 265 -1.59 -26.18 -24.07
N ASN C 266 -1.92 -27.32 -24.69
CA ASN C 266 -3.15 -27.40 -25.47
C ASN C 266 -4.38 -27.19 -24.59
N ILE C 267 -4.40 -27.79 -23.40
CA ILE C 267 -5.55 -27.58 -22.51
C ILE C 267 -5.52 -26.17 -21.94
N TYR C 268 -4.33 -25.69 -21.54
CA TYR C 268 -4.21 -24.38 -20.90
C TYR C 268 -4.75 -23.28 -21.81
N GLN C 269 -4.41 -23.32 -23.09
CA GLN C 269 -4.89 -22.28 -24.01
C GLN C 269 -6.40 -22.31 -24.16
N ARG C 270 -7.02 -23.49 -24.08
CA ARG C 270 -8.47 -23.55 -24.26
C ARG C 270 -9.22 -22.98 -23.06
N VAL C 271 -8.72 -23.19 -21.83
CA VAL C 271 -9.47 -22.74 -20.66
C VAL C 271 -9.01 -21.39 -20.09
N ALA C 272 -7.84 -20.89 -20.48
CA ALA C 272 -7.30 -19.69 -19.82
C ALA C 272 -8.21 -18.48 -19.95
N PRO C 273 -8.80 -18.17 -21.12
CA PRO C 273 -9.64 -16.98 -21.21
C PRO C 273 -10.81 -17.01 -20.24
N ALA C 274 -11.56 -18.11 -20.23
CA ALA C 274 -12.68 -18.17 -19.30
C ALA C 274 -12.20 -18.24 -17.84
N ALA C 275 -11.08 -18.93 -17.59
CA ALA C 275 -10.56 -19.02 -16.24
C ALA C 275 -10.14 -17.65 -15.69
N LEU C 276 -9.48 -16.84 -16.52
CA LEU C 276 -9.15 -15.48 -16.10
C LEU C 276 -10.40 -14.70 -15.71
N ALA C 277 -11.48 -14.88 -16.47
CA ALA C 277 -12.72 -14.18 -16.17
C ALA C 277 -13.25 -14.57 -14.79
N PHE C 278 -13.13 -15.86 -14.43
CA PHE C 278 -13.62 -16.30 -13.12
C PHE C 278 -12.81 -15.69 -11.99
N VAL C 279 -11.49 -15.66 -12.12
CA VAL C 279 -10.67 -14.98 -11.11
C VAL C 279 -11.02 -13.49 -11.06
N SER C 280 -11.26 -12.86 -12.22
CA SER C 280 -11.66 -11.44 -12.21
C SER C 280 -12.99 -11.28 -11.52
N GLU C 281 -13.91 -12.22 -11.76
CA GLU C 281 -15.24 -12.14 -11.18
C GLU C 281 -15.21 -12.34 -9.68
N LYS C 282 -14.36 -13.25 -9.21
CA LYS C 282 -14.36 -13.63 -7.80
C LYS C 282 -13.29 -12.93 -6.97
N GLY C 283 -12.22 -12.42 -7.58
CA GLY C 283 -11.07 -11.97 -6.81
C GLY C 283 -11.28 -10.56 -6.28
N GLU C 284 -10.88 -10.36 -5.03
CA GLU C 284 -10.99 -9.07 -4.36
C GLU C 284 -9.75 -8.83 -3.52
N THR C 285 -9.30 -7.58 -3.48
CA THR C 285 -8.30 -7.14 -2.50
C THR C 285 -8.98 -6.09 -1.62
N SER C 286 -8.20 -5.49 -0.71
CA SER C 286 -8.77 -4.40 0.08
C SER C 286 -9.16 -3.19 -0.76
N VAL C 287 -8.72 -3.09 -2.02
CA VAL C 287 -9.09 -1.93 -2.85
C VAL C 287 -9.98 -2.35 -4.02
N GLY C 288 -10.61 -3.52 -3.94
CA GLY C 288 -11.56 -3.93 -4.95
C GLY C 288 -11.05 -5.00 -5.90
N GLU C 289 -11.26 -4.78 -7.20
CA GLU C 289 -10.93 -5.76 -8.22
C GLU C 289 -9.42 -5.98 -8.30
N LEU C 290 -9.05 -7.17 -8.74
CA LEU C 290 -7.68 -7.53 -9.03
C LEU C 290 -7.15 -6.78 -10.25
N PRO C 291 -5.84 -6.57 -10.32
CA PRO C 291 -5.23 -6.06 -11.56
C PRO C 291 -5.41 -7.06 -12.69
N ALA C 292 -5.34 -6.54 -13.91
CA ALA C 292 -5.27 -7.41 -15.07
C ALA C 292 -3.94 -8.15 -15.09
N PRO C 293 -3.88 -9.32 -15.70
CA PRO C 293 -2.61 -10.05 -15.77
C PRO C 293 -1.59 -9.24 -16.53
N GLY C 294 -0.37 -9.16 -15.98
CA GLY C 294 0.72 -8.51 -16.67
C GLY C 294 1.17 -9.27 -17.89
N SER C 295 2.08 -8.64 -18.64
CA SER C 295 2.50 -9.17 -19.93
C SER C 295 3.22 -10.50 -19.79
N LEU C 296 3.95 -10.69 -18.68
CA LEU C 296 4.62 -11.97 -18.50
C LEU C 296 3.65 -13.13 -18.51
N TYR C 297 2.41 -12.91 -18.04
CA TYR C 297 1.42 -13.99 -18.08
C TYR C 297 1.23 -14.49 -19.51
N PHE C 298 1.13 -13.59 -20.48
CA PHE C 298 0.87 -13.97 -21.86
C PHE C 298 2.09 -14.55 -22.57
N GLN C 299 3.27 -14.43 -21.98
CA GLN C 299 4.48 -15.03 -22.51
C GLN C 299 4.68 -16.46 -22.04
N ARG C 300 3.77 -16.99 -21.22
CA ARG C 300 3.92 -18.35 -20.74
C ARG C 300 3.81 -19.34 -21.88
N PHE C 301 4.62 -20.41 -21.81
CA PHE C 301 4.58 -21.46 -22.81
C PHE C 301 4.92 -20.94 -24.20
N GLY C 302 5.81 -19.94 -24.27
CA GLY C 302 6.15 -19.30 -25.51
C GLY C 302 5.07 -18.43 -26.13
N GLY C 303 4.00 -18.13 -25.40
CA GLY C 303 2.98 -17.23 -25.92
C GLY C 303 1.56 -17.79 -25.92
N LEU C 304 0.64 -17.08 -25.28
CA LEU C 304 -0.75 -17.50 -25.16
C LEU C 304 -1.60 -16.86 -26.26
N ASN C 305 -2.33 -17.68 -27.00
CA ASN C 305 -3.14 -17.20 -28.12
C ASN C 305 -4.50 -16.70 -27.61
N ILE C 306 -4.47 -15.56 -26.92
CA ILE C 306 -5.70 -14.89 -26.50
C ILE C 306 -5.89 -13.59 -27.25
#